data_6NBW
#
_entry.id   6NBW
#
_cell.length_a   104.406
_cell.length_b   115.594
_cell.length_c   132.195
_cell.angle_alpha   90.000
_cell.angle_beta   90.000
_cell.angle_gamma   90.000
#
_symmetry.space_group_name_H-M   'C 2 2 21'
#
loop_
_entity.id
_entity.type
_entity.pdbx_description
1 polymer 'Actin, cytoplasmic 1'
2 polymer 'N-alpha-acetyltransferase 80'
3 polymer Profilin-1
4 non-polymer 'CALCIUM ION'
5 non-polymer "ADENOSINE-5'-TRIPHOSPHATE"
6 non-polymer 'LATRUNCULIN B'
7 non-polymer GLYCEROL
8 non-polymer '[(2R,3S,4R,5R)-5-(6-AMINO-9H-PURIN-9-YL)-4-HYDROXY-3-(PHOSPHONOOXY)TETRAHYDROFURAN-2-YL]METHYL (3R)-3-HYDROXY-2,2-DIMETHYL-4-OXO-4-{[3-OXO-3-({2-[(2-OXOPROPYL)THIO]ETHYL}AMINO)PROPYL]AMINO}BUTYL DIHYDROGEN DIPHOSPHATE'
9 non-polymer '2-(N-MORPHOLINO)-ETHANESULFONIC ACID'
10 water water
#
loop_
_entity_poly.entity_id
_entity_poly.type
_entity_poly.pdbx_seq_one_letter_code
_entity_poly.pdbx_strand_id
1 'polypeptide(L)'
;DDDIAALVVDNGSGMCKAGFAGDDAPRAVFPSIVGRPRHQGVMVGMGQKDSYVGDEAQSKRGILTLKYPIE(HIC)GIVT
NWDDMEKIWHHTFYNELRVAPEEHPVLLTEAPLNPKANREKMTQIMFETFNTPAMYVAIQAVLSLYASGRTTGIVMDSGD
GVTHTVPIYEGYALPHAILRLDLAGRDLTDYLMKILTERGYSFTTTAEREIVRDIKEKLCYVALDFEQEMATAASSSSLE
KSYELPDGQVITIGNERFRCPEALFQPSFLGMESCGIHETTFNSIMKCDVDIRKDLYANTVLSGGTTMYPGIADRMQKEI
TALAPSTMKIKIIAPPERKYSVWIGGSILASLSTFQQMWISKQEYDESGPSIVHRKCF
;
A
2 'polypeptide(L)'
;AGHMSLAELTLEPVHRRPELLDACADLINDQWPRSRTSRLHSLGQSSDAFPLCLMLLSPHPTLEAAPVVVGHARLSRVLN
QPQSLLVETVVVARALRGRGFGRRLMEGLEVFARARGFRKLHLTTHDQVHFYTHLGYQLGEPVQGLVFTSRRLPATLLNA
FPTAPSPRPPRKAPNLTAQAAPRGPKGPPLPPPPPLPECLTISPPVPSGPPSKSLLETQYQNVRGRPIFWMEKDI
;
N
3 'polypeptide(L)'
;MAGWNAYIDNLMADGTCQDAAIVGYKDSPSVWAAVPGKTFVNITPAEVGVLVGKDRSSFYVNGLTLGGQKCSVIRDSLLQ
DGEFSMDLRTKSTGGAPTFNVTVTKTDKTLVLLMGKEGVHGGLINKKCYEMASHLRRSQY
;
P
#
# COMPACT_ATOMS: atom_id res chain seq x y z
N ASP A 1 19.97 16.82 -2.28
CA ASP A 1 19.65 15.62 -1.50
C ASP A 1 19.00 14.56 -2.40
N ASP A 2 18.89 13.32 -1.88
CA ASP A 2 18.47 12.18 -2.70
C ASP A 2 16.96 12.02 -2.82
N ASP A 3 16.17 12.69 -1.98
CA ASP A 3 14.71 12.71 -2.04
C ASP A 3 14.07 11.59 -1.23
N ILE A 4 14.83 10.55 -0.88
CA ILE A 4 14.52 9.62 0.21
C ILE A 4 13.40 8.64 -0.12
N ALA A 5 13.54 7.42 0.40
CA ALA A 5 12.57 6.35 0.18
C ALA A 5 11.48 6.37 1.24
N ALA A 6 10.27 6.01 0.80
CA ALA A 6 9.14 5.97 1.70
C ALA A 6 9.23 4.78 2.66
N LEU A 7 8.64 4.92 3.83
CA LEU A 7 8.51 3.82 4.77
C LEU A 7 7.21 3.08 4.51
N VAL A 8 7.24 1.77 4.72
CA VAL A 8 6.08 0.90 4.57
C VAL A 8 5.87 0.20 5.91
N VAL A 9 4.75 0.50 6.56
CA VAL A 9 4.42 -0.07 7.87
C VAL A 9 3.10 -0.81 7.74
N ASP A 10 3.15 -2.13 7.89
CA ASP A 10 1.97 -3.00 7.87
C ASP A 10 1.70 -3.43 9.31
N ASN A 11 0.59 -2.93 9.87
CA ASN A 11 0.25 -3.19 11.27
C ASN A 11 -0.82 -4.27 11.34
N GLY A 12 -0.45 -5.41 11.95
CA GLY A 12 -1.34 -6.53 12.11
C GLY A 12 -1.73 -6.76 13.57
N SER A 13 -2.76 -7.60 13.74
CA SER A 13 -3.20 -7.95 15.09
C SER A 13 -2.07 -8.56 15.90
N GLY A 14 -1.27 -9.41 15.27
CA GLY A 14 -0.19 -10.08 15.97
C GLY A 14 1.18 -9.54 15.66
N MET A 15 1.49 -9.35 14.37
CA MET A 15 2.83 -8.98 13.93
C MET A 15 2.81 -7.68 13.14
N CYS A 16 3.84 -6.87 13.36
CA CYS A 16 4.07 -5.65 12.59
C CYS A 16 5.26 -5.86 11.65
N LYS A 17 5.12 -5.38 10.43
CA LYS A 17 6.17 -5.46 9.43
C LYS A 17 6.50 -4.05 8.96
N ALA A 18 7.78 -3.69 9.01
CA ALA A 18 8.21 -2.34 8.65
C ALA A 18 9.47 -2.41 7.79
N GLY A 19 9.56 -1.49 6.85
CA GLY A 19 10.72 -1.46 5.97
C GLY A 19 10.65 -0.26 5.04
N PHE A 20 11.41 -0.35 3.95
CA PHE A 20 11.58 0.74 3.01
C PHE A 20 10.96 0.40 1.65
N ALA A 21 10.24 1.35 1.08
CA ALA A 21 9.62 1.15 -0.22
C ALA A 21 10.68 0.83 -1.26
N GLY A 22 10.42 -0.20 -2.06
CA GLY A 22 11.35 -0.69 -3.06
C GLY A 22 12.08 -1.94 -2.65
N ASP A 23 12.32 -2.13 -1.35
CA ASP A 23 12.90 -3.38 -0.89
C ASP A 23 11.94 -4.53 -1.16
N ASP A 24 12.49 -5.74 -1.25
CA ASP A 24 11.69 -6.93 -1.49
C ASP A 24 11.25 -7.61 -0.21
N ALA A 25 11.68 -7.12 0.96
CA ALA A 25 11.29 -7.70 2.24
C ALA A 25 11.37 -6.63 3.31
N PRO A 26 10.52 -6.68 4.32
CA PRO A 26 10.60 -5.70 5.40
C PRO A 26 11.89 -5.85 6.18
N ARG A 27 12.41 -4.73 6.68
CA ARG A 27 13.60 -4.78 7.52
C ARG A 27 13.29 -5.30 8.92
N ALA A 28 12.09 -5.06 9.43
CA ALA A 28 11.74 -5.39 10.79
C ALA A 28 10.40 -6.10 10.84
N VAL A 29 10.37 -7.24 11.52
CA VAL A 29 9.14 -7.98 11.81
C VAL A 29 9.16 -8.27 13.31
N PHE A 30 8.18 -7.72 14.02
CA PHE A 30 8.19 -7.78 15.48
C PHE A 30 6.75 -7.88 15.97
N PRO A 31 6.54 -8.38 17.19
CA PRO A 31 5.18 -8.56 17.68
C PRO A 31 4.50 -7.24 18.01
N SER A 32 3.19 -7.19 17.72
CA SER A 32 2.39 -5.99 17.96
C SER A 32 1.77 -6.07 19.36
N ILE A 33 2.64 -5.88 20.35
CA ILE A 33 2.27 -6.07 21.75
C ILE A 33 2.82 -4.94 22.60
N VAL A 34 2.10 -4.62 23.66
CA VAL A 34 2.56 -3.74 24.72
C VAL A 34 2.46 -4.49 26.03
N GLY A 35 3.54 -4.50 26.80
CA GLY A 35 3.64 -5.31 28.01
C GLY A 35 3.74 -4.44 29.25
N ARG A 36 3.10 -4.88 30.32
CA ARG A 36 3.16 -4.19 31.60
C ARG A 36 3.37 -5.20 32.71
N PRO A 37 3.98 -4.78 33.83
CA PRO A 37 4.24 -5.73 34.93
C PRO A 37 2.98 -6.42 35.40
N ARG A 38 3.06 -7.73 35.59
CA ARG A 38 1.94 -8.49 36.13
C ARG A 38 1.57 -7.98 37.52
N HIS A 39 2.52 -7.99 38.43
CA HIS A 39 2.30 -7.52 39.79
C HIS A 39 3.42 -6.58 40.22
N GLY A 47 12.52 -2.44 37.65
CA GLY A 47 12.11 -2.48 36.26
C GLY A 47 12.34 -1.17 35.54
N GLN A 48 12.60 -1.25 34.24
CA GLN A 48 12.97 -0.05 33.48
C GLN A 48 11.80 0.91 33.35
N LYS A 49 10.61 0.40 33.01
CA LYS A 49 9.56 1.25 32.45
C LYS A 49 8.18 0.89 32.98
N ASP A 50 7.25 1.84 32.78
CA ASP A 50 5.83 1.56 32.96
C ASP A 50 5.30 0.66 31.85
N SER A 51 5.88 0.74 30.65
CA SER A 51 5.42 -0.01 29.50
C SER A 51 6.62 -0.63 28.78
N TYR A 52 6.34 -1.71 28.04
CA TYR A 52 7.33 -2.36 27.19
C TYR A 52 6.67 -2.67 25.86
N VAL A 53 7.42 -2.49 24.77
CA VAL A 53 6.87 -2.52 23.42
C VAL A 53 7.65 -3.51 22.56
N GLY A 54 6.92 -4.18 21.66
CA GLY A 54 7.56 -4.93 20.60
C GLY A 54 8.52 -5.97 21.12
N ASP A 55 9.72 -5.99 20.53
CA ASP A 55 10.69 -7.04 20.85
C ASP A 55 11.13 -6.99 22.30
N GLU A 56 11.08 -5.81 22.93
CA GLU A 56 11.44 -5.72 24.34
C GLU A 56 10.39 -6.39 25.23
N ALA A 57 9.10 -6.16 24.94
CA ALA A 57 8.04 -6.84 25.66
C ALA A 57 8.14 -8.34 25.46
N GLN A 58 8.43 -8.77 24.24
CA GLN A 58 8.67 -10.19 23.98
C GLN A 58 9.79 -10.72 24.86
N SER A 59 10.90 -9.99 24.97
CA SER A 59 12.04 -10.46 25.75
C SER A 59 11.67 -10.62 27.23
N LYS A 60 10.81 -9.74 27.74
CA LYS A 60 10.47 -9.70 29.15
C LYS A 60 9.08 -10.25 29.44
N ARG A 61 8.50 -11.00 28.49
CA ARG A 61 7.13 -11.48 28.63
C ARG A 61 6.92 -12.30 29.92
N GLY A 62 7.98 -12.85 30.50
CA GLY A 62 7.82 -13.67 31.69
C GLY A 62 7.29 -12.90 32.88
N ILE A 63 7.56 -11.59 32.93
CA ILE A 63 7.16 -10.75 34.04
C ILE A 63 6.13 -9.71 33.63
N LEU A 64 5.53 -9.86 32.45
CA LEU A 64 4.63 -8.87 31.91
C LEU A 64 3.30 -9.52 31.52
N THR A 65 2.24 -8.74 31.63
CA THR A 65 0.98 -9.04 30.96
C THR A 65 0.99 -8.34 29.61
N LEU A 66 0.76 -9.11 28.55
CA LEU A 66 0.84 -8.59 27.19
C LEU A 66 -0.53 -8.18 26.69
N LYS A 67 -0.58 -7.05 25.98
CA LYS A 67 -1.80 -6.55 25.38
C LYS A 67 -1.56 -6.30 23.90
N TYR A 68 -2.60 -6.55 23.10
CA TYR A 68 -2.55 -6.31 21.66
C TYR A 68 -3.36 -5.06 21.35
N PRO A 69 -2.72 -3.94 20.97
CA PRO A 69 -3.49 -2.74 20.64
C PRO A 69 -4.40 -2.93 19.43
N ILE A 70 -4.15 -3.93 18.60
CA ILE A 70 -4.94 -4.21 17.41
C ILE A 70 -5.68 -5.53 17.63
N GLU A 71 -7.02 -5.45 17.68
CA GLU A 71 -7.87 -6.64 17.77
C GLU A 71 -8.63 -6.86 16.47
N GLY A 73 -7.72 -6.86 13.62
CA GLY A 73 -7.26 -5.94 12.59
C GLY A 73 -7.59 -4.48 12.83
N ILE A 74 -8.36 -4.20 13.90
CA ILE A 74 -8.81 -2.85 14.22
C ILE A 74 -8.07 -2.35 15.46
N VAL A 75 -7.61 -1.10 15.41
CA VAL A 75 -7.02 -0.47 16.57
C VAL A 75 -8.09 -0.27 17.64
N THR A 76 -7.83 -0.78 18.85
CA THR A 76 -8.72 -0.57 19.98
C THR A 76 -8.07 0.19 21.13
N ASN A 77 -6.76 0.41 21.09
CA ASN A 77 -6.04 1.12 22.14
C ASN A 77 -5.07 2.10 21.46
N TRP A 78 -5.50 3.35 21.33
CA TRP A 78 -4.73 4.30 20.54
C TRP A 78 -3.45 4.74 21.25
N ASP A 79 -3.48 4.86 22.58
CA ASP A 79 -2.26 5.19 23.29
C ASP A 79 -1.19 4.12 23.09
N ASP A 80 -1.60 2.84 23.13
CA ASP A 80 -0.63 1.76 22.91
C ASP A 80 -0.24 1.64 21.45
N MET A 81 -1.15 1.93 20.51
CA MET A 81 -0.78 1.93 19.10
C MET A 81 0.26 3.00 18.81
N GLU A 82 0.10 4.18 19.40
CA GLU A 82 1.12 5.21 19.28
C GLU A 82 2.47 4.72 19.78
N LYS A 83 2.47 3.95 20.88
CA LYS A 83 3.71 3.35 21.35
C LYS A 83 4.30 2.40 20.32
N ILE A 84 3.45 1.60 19.68
CA ILE A 84 3.93 0.68 18.66
C ILE A 84 4.59 1.43 17.51
N TRP A 85 3.95 2.51 17.05
CA TRP A 85 4.52 3.28 15.95
C TRP A 85 5.81 3.97 16.37
N HIS A 86 5.86 4.49 17.60
CA HIS A 86 7.10 5.07 18.09
C HIS A 86 8.21 4.02 18.12
N HIS A 87 7.87 2.81 18.56
CA HIS A 87 8.85 1.71 18.56
C HIS A 87 9.27 1.36 17.14
N THR A 88 8.31 1.35 16.21
CA THR A 88 8.63 1.04 14.81
C THR A 88 9.65 2.01 14.25
N PHE A 89 9.39 3.31 14.37
CA PHE A 89 10.26 4.31 13.77
C PHE A 89 11.63 4.34 14.45
N TYR A 90 11.65 4.49 15.78
CA TYR A 90 12.89 4.83 16.47
C TYR A 90 13.68 3.62 16.93
N ASN A 91 13.02 2.49 17.19
CA ASN A 91 13.71 1.31 17.72
C ASN A 91 13.90 0.20 16.70
N GLU A 92 12.89 -0.08 15.87
CA GLU A 92 12.99 -1.18 14.92
C GLU A 92 13.65 -0.74 13.62
N LEU A 93 13.20 0.38 13.06
CA LEU A 93 13.80 0.90 11.84
C LEU A 93 14.93 1.88 12.11
N ARG A 94 14.91 2.57 13.26
CA ARG A 94 15.94 3.55 13.61
C ARG A 94 16.01 4.67 12.56
N VAL A 95 14.84 5.20 12.21
CA VAL A 95 14.71 6.32 11.29
C VAL A 95 14.01 7.46 12.01
N ALA A 96 13.99 8.62 11.36
CA ALA A 96 13.22 9.76 11.85
C ALA A 96 11.95 9.86 11.03
N PRO A 97 10.76 9.71 11.63
CA PRO A 97 9.53 9.69 10.82
C PRO A 97 9.26 10.99 10.09
N GLU A 98 9.80 12.13 10.54
CA GLU A 98 9.54 13.40 9.89
C GLU A 98 10.31 13.56 8.58
N GLU A 99 11.20 12.64 8.26
CA GLU A 99 12.00 12.70 7.04
C GLU A 99 11.48 11.79 5.93
N HIS A 100 10.46 10.99 6.19
CA HIS A 100 10.02 9.98 5.25
C HIS A 100 8.52 10.10 4.98
N PRO A 101 8.09 10.06 3.73
CA PRO A 101 6.70 9.67 3.46
C PRO A 101 6.44 8.29 4.05
N VAL A 102 5.25 8.12 4.62
CA VAL A 102 4.90 6.90 5.33
C VAL A 102 3.65 6.29 4.72
N LEU A 103 3.75 5.03 4.33
CA LEU A 103 2.61 4.26 3.84
C LEU A 103 2.15 3.31 4.95
N LEU A 104 0.92 3.51 5.41
CA LEU A 104 0.32 2.62 6.39
C LEU A 104 -0.68 1.70 5.70
N THR A 105 -0.89 0.54 6.31
CA THR A 105 -1.91 -0.40 5.88
C THR A 105 -3.05 -0.38 6.90
N GLU A 106 -4.25 -0.70 6.43
CA GLU A 106 -5.41 -0.78 7.30
C GLU A 106 -6.22 -2.02 6.95
N ALA A 107 -6.95 -2.53 7.93
CA ALA A 107 -7.84 -3.64 7.69
C ALA A 107 -9.01 -3.22 6.80
N PRO A 108 -9.57 -4.13 6.02
CA PRO A 108 -10.79 -3.81 5.28
C PRO A 108 -11.90 -3.34 6.21
N LEU A 109 -12.69 -2.39 5.75
CA LEU A 109 -13.81 -1.85 6.53
C LEU A 109 -13.34 -1.14 7.79
N ASN A 110 -12.10 -0.68 7.81
CA ASN A 110 -11.57 0.04 8.96
C ASN A 110 -12.51 1.20 9.30
N PRO A 111 -13.01 1.29 10.53
CA PRO A 111 -13.98 2.35 10.86
C PRO A 111 -13.49 3.73 10.44
N LYS A 112 -14.46 4.60 10.15
CA LYS A 112 -14.17 5.93 9.65
C LYS A 112 -13.31 6.74 10.62
N ALA A 113 -13.73 6.80 11.89
CA ALA A 113 -13.00 7.62 12.86
C ALA A 113 -11.60 7.07 13.10
N ASN A 114 -11.40 5.77 12.95
CA ASN A 114 -10.07 5.20 13.15
C ASN A 114 -9.09 5.72 12.12
N ARG A 115 -9.50 5.79 10.85
CA ARG A 115 -8.57 6.24 9.82
C ARG A 115 -8.33 7.75 9.89
N GLU A 116 -9.28 8.52 10.42
CA GLU A 116 -8.99 9.93 10.71
C GLU A 116 -7.95 10.06 11.82
N LYS A 117 -8.10 9.28 12.89
CA LYS A 117 -7.14 9.34 13.99
C LYS A 117 -5.77 8.87 13.55
N MET A 118 -5.72 7.80 12.76
CA MET A 118 -4.46 7.37 12.14
C MET A 118 -3.78 8.53 11.43
N THR A 119 -4.55 9.30 10.64
CA THR A 119 -3.98 10.41 9.89
C THR A 119 -3.49 11.50 10.83
N GLN A 120 -4.28 11.84 11.85
CA GLN A 120 -3.89 12.88 12.78
C GLN A 120 -2.59 12.54 13.49
N ILE A 121 -2.44 11.29 13.92
CA ILE A 121 -1.26 10.90 14.69
C ILE A 121 0.00 10.98 13.82
N MET A 122 -0.10 10.53 12.57
CA MET A 122 1.08 10.55 11.71
C MET A 122 1.55 11.98 11.47
N PHE A 123 0.61 12.91 11.27
CA PHE A 123 0.98 14.28 10.92
C PHE A 123 1.25 15.15 12.13
N GLU A 124 0.47 15.00 13.20
CA GLU A 124 0.62 15.88 14.35
C GLU A 124 1.64 15.37 15.36
N THR A 125 1.66 14.06 15.59
CA THR A 125 2.58 13.48 16.57
C THR A 125 3.94 13.12 15.96
N PHE A 126 3.95 12.53 14.77
CA PHE A 126 5.19 12.10 14.14
C PHE A 126 5.62 13.02 13.00
N ASN A 127 4.84 14.06 12.69
CA ASN A 127 5.24 15.09 11.73
C ASN A 127 5.69 14.49 10.40
N THR A 128 4.98 13.47 9.95
CA THR A 128 5.30 12.91 8.64
C THR A 128 5.11 13.98 7.58
N PRO A 129 6.02 14.09 6.61
CA PRO A 129 5.81 15.06 5.52
C PRO A 129 4.68 14.64 4.58
N ALA A 130 4.37 13.36 4.52
CA ALA A 130 3.32 12.86 3.64
C ALA A 130 2.99 11.44 4.06
N MET A 131 1.75 11.01 3.78
CA MET A 131 1.34 9.67 4.16
C MET A 131 0.17 9.20 3.30
N TYR A 132 -0.01 7.88 3.28
CA TYR A 132 -1.11 7.23 2.56
C TYR A 132 -1.53 6.00 3.35
N VAL A 133 -2.81 5.63 3.20
CA VAL A 133 -3.38 4.47 3.88
C VAL A 133 -3.93 3.53 2.82
N ALA A 134 -3.43 2.29 2.80
CA ALA A 134 -3.84 1.29 1.81
C ALA A 134 -4.45 0.08 2.50
N ILE A 135 -5.50 -0.47 1.89
CA ILE A 135 -6.13 -1.67 2.42
C ILE A 135 -5.18 -2.85 2.24
N GLN A 136 -4.99 -3.62 3.32
CA GLN A 136 -4.02 -4.71 3.31
C GLN A 136 -4.25 -5.67 2.15
N ALA A 137 -5.50 -6.12 1.97
CA ALA A 137 -5.79 -7.11 0.93
C ALA A 137 -5.37 -6.61 -0.44
N VAL A 138 -5.60 -5.33 -0.72
CA VAL A 138 -5.23 -4.76 -2.01
C VAL A 138 -3.74 -4.90 -2.25
N LEU A 139 -2.93 -4.58 -1.24
CA LEU A 139 -1.48 -4.71 -1.39
C LEU A 139 -1.09 -6.16 -1.69
N SER A 140 -1.74 -7.12 -1.04
CA SER A 140 -1.45 -8.52 -1.33
C SER A 140 -1.76 -8.85 -2.79
N LEU A 141 -2.81 -8.25 -3.35
CA LEU A 141 -3.12 -8.50 -4.75
C LEU A 141 -2.04 -7.91 -5.65
N TYR A 142 -1.55 -6.71 -5.33
CA TYR A 142 -0.43 -6.15 -6.08
C TYR A 142 0.77 -7.08 -6.05
N ALA A 143 1.06 -7.68 -4.89
CA ALA A 143 2.21 -8.56 -4.79
C ALA A 143 2.05 -9.82 -5.64
N SER A 144 0.82 -10.23 -5.93
CA SER A 144 0.59 -11.35 -6.83
C SER A 144 0.65 -10.95 -8.30
N GLY A 145 0.94 -9.68 -8.59
CA GLY A 145 1.02 -9.24 -9.96
C GLY A 145 -0.31 -8.96 -10.61
N ARG A 146 -1.33 -8.63 -9.83
CA ARG A 146 -2.68 -8.42 -10.32
C ARG A 146 -3.23 -7.10 -9.78
N THR A 147 -4.28 -6.63 -10.43
CA THR A 147 -5.06 -5.51 -9.93
C THR A 147 -6.54 -5.83 -9.79
N THR A 148 -7.02 -6.94 -10.34
CA THR A 148 -8.39 -7.38 -10.14
C THR A 148 -8.40 -8.81 -9.64
N GLY A 149 -9.27 -9.07 -8.68
CA GLY A 149 -9.38 -10.38 -8.06
C GLY A 149 -9.95 -10.25 -6.67
N ILE A 150 -10.09 -11.41 -6.01
CA ILE A 150 -10.60 -11.45 -4.65
C ILE A 150 -9.50 -12.04 -3.77
N VAL A 151 -9.18 -11.36 -2.69
CA VAL A 151 -8.16 -11.80 -1.75
C VAL A 151 -8.84 -12.34 -0.50
N MET A 152 -8.38 -13.50 -0.05
CA MET A 152 -8.80 -14.08 1.23
C MET A 152 -7.61 -13.93 2.18
N ASP A 153 -7.66 -12.93 3.05
CA ASP A 153 -6.57 -12.57 3.94
C ASP A 153 -6.88 -13.10 5.35
N SER A 154 -6.16 -14.12 5.77
CA SER A 154 -6.30 -14.69 7.11
C SER A 154 -4.99 -14.50 7.87
N GLY A 155 -5.03 -13.74 8.95
CA GLY A 155 -3.84 -13.48 9.74
C GLY A 155 -3.86 -14.13 11.10
N ASP A 156 -3.56 -13.35 12.13
CA ASP A 156 -3.59 -13.83 13.51
C ASP A 156 -4.90 -13.53 14.20
N GLY A 157 -5.56 -12.43 13.84
CA GLY A 157 -6.74 -11.99 14.55
C GLY A 157 -8.01 -11.88 13.73
N VAL A 158 -7.91 -11.82 12.40
CA VAL A 158 -9.10 -11.64 11.57
C VAL A 158 -8.87 -12.29 10.21
N THR A 159 -9.98 -12.67 9.57
CA THR A 159 -9.99 -13.17 8.20
C THR A 159 -10.96 -12.33 7.39
N HIS A 160 -10.49 -11.83 6.24
CA HIS A 160 -11.30 -11.02 5.34
C HIS A 160 -11.30 -11.63 3.95
N THR A 161 -12.45 -11.54 3.29
CA THR A 161 -12.57 -11.79 1.86
C THR A 161 -12.86 -10.45 1.18
N VAL A 162 -12.03 -10.08 0.22
CA VAL A 162 -12.02 -8.72 -0.30
C VAL A 162 -11.98 -8.70 -1.81
N PRO A 163 -13.11 -8.52 -2.49
CA PRO A 163 -13.05 -8.35 -3.95
C PRO A 163 -12.50 -6.98 -4.32
N ILE A 164 -11.67 -6.97 -5.37
CA ILE A 164 -10.91 -5.80 -5.76
C ILE A 164 -11.01 -5.65 -7.27
N TYR A 165 -11.36 -4.46 -7.74
CA TYR A 165 -11.45 -4.15 -9.16
C TYR A 165 -10.48 -3.05 -9.50
N GLU A 166 -9.50 -3.36 -10.36
CA GLU A 166 -8.52 -2.38 -10.82
C GLU A 166 -7.87 -1.66 -9.64
N GLY A 167 -7.58 -2.42 -8.59
CA GLY A 167 -6.89 -1.90 -7.42
C GLY A 167 -7.77 -1.27 -6.37
N TYR A 168 -9.09 -1.23 -6.58
CA TYR A 168 -10.01 -0.56 -5.68
C TYR A 168 -10.89 -1.59 -4.99
N ALA A 169 -10.66 -1.79 -3.70
CA ALA A 169 -11.51 -2.69 -2.92
C ALA A 169 -12.96 -2.26 -3.03
N LEU A 170 -13.85 -3.25 -3.05
CA LEU A 170 -15.29 -3.03 -3.17
C LEU A 170 -15.92 -3.28 -1.80
N PRO A 171 -16.00 -2.27 -0.93
CA PRO A 171 -16.39 -2.53 0.46
C PRO A 171 -17.74 -3.21 0.61
N HIS A 172 -18.69 -2.96 -0.30
CA HIS A 172 -20.03 -3.53 -0.13
C HIS A 172 -19.98 -5.05 -0.12
N ALA A 173 -18.98 -5.64 -0.77
CA ALA A 173 -18.85 -7.09 -0.89
C ALA A 173 -17.79 -7.67 0.04
N ILE A 174 -17.18 -6.85 0.89
CA ILE A 174 -16.17 -7.34 1.83
C ILE A 174 -16.86 -8.08 2.96
N LEU A 175 -16.33 -9.25 3.32
CA LEU A 175 -16.86 -10.05 4.41
C LEU A 175 -15.75 -10.30 5.43
N ARG A 176 -16.13 -10.30 6.70
CA ARG A 176 -15.20 -10.42 7.81
C ARG A 176 -15.56 -11.64 8.66
N LEU A 177 -14.52 -12.35 9.10
CA LEU A 177 -14.65 -13.58 9.86
C LEU A 177 -13.69 -13.49 11.04
N ASP A 178 -14.24 -13.42 12.26
CA ASP A 178 -13.43 -13.25 13.46
C ASP A 178 -12.84 -14.60 13.89
N LEU A 179 -12.02 -15.14 12.99
CA LEU A 179 -11.44 -16.46 13.15
C LEU A 179 -10.13 -16.47 12.38
N ALA A 180 -9.03 -16.72 13.08
CA ALA A 180 -7.72 -16.65 12.43
C ALA A 180 -6.71 -17.44 13.26
N GLY A 181 -5.43 -17.15 13.06
CA GLY A 181 -4.38 -18.04 13.56
C GLY A 181 -4.36 -18.19 15.06
N ARG A 182 -4.65 -17.11 15.80
CA ARG A 182 -4.62 -17.21 17.25
C ARG A 182 -5.74 -18.11 17.76
N ASP A 183 -6.89 -18.09 17.08
CA ASP A 183 -7.98 -18.99 17.47
C ASP A 183 -7.63 -20.44 17.15
N LEU A 184 -6.95 -20.68 16.03
CA LEU A 184 -6.51 -22.04 15.71
C LEU A 184 -5.51 -22.55 16.73
N THR A 185 -4.56 -21.69 17.14
CA THR A 185 -3.63 -22.09 18.20
C THR A 185 -4.39 -22.45 19.47
N ASP A 186 -5.33 -21.59 19.89
CA ASP A 186 -6.14 -21.89 21.06
C ASP A 186 -6.81 -23.25 20.92
N TYR A 187 -7.32 -23.54 19.73
CA TYR A 187 -8.03 -24.79 19.49
C TYR A 187 -7.07 -25.98 19.59
N LEU A 188 -5.88 -25.85 19.01
CA LEU A 188 -4.91 -26.95 19.10
C LEU A 188 -4.50 -27.20 20.55
N MET A 189 -4.36 -26.15 21.36
CA MET A 189 -4.12 -26.33 22.78
C MET A 189 -5.20 -27.21 23.41
N LYS A 190 -6.46 -26.93 23.05
CA LYS A 190 -7.58 -27.62 23.68
C LYS A 190 -7.60 -29.10 23.31
N ILE A 191 -7.50 -29.41 22.01
CA ILE A 191 -7.56 -30.80 21.59
C ILE A 191 -6.27 -31.55 21.87
N LEU A 192 -5.17 -30.83 22.12
CA LEU A 192 -3.96 -31.50 22.60
C LEU A 192 -4.13 -31.91 24.06
N THR A 193 -4.80 -31.08 24.85
CA THR A 193 -5.14 -31.47 26.21
C THR A 193 -6.02 -32.72 26.21
N GLU A 194 -7.01 -32.76 25.31
CA GLU A 194 -7.87 -33.93 25.20
C GLU A 194 -7.11 -35.17 24.75
N ARG A 195 -5.90 -35.00 24.21
CA ARG A 195 -5.04 -36.14 23.88
C ARG A 195 -4.20 -36.60 25.06
N GLY A 196 -4.29 -35.91 26.20
CA GLY A 196 -3.55 -36.27 27.39
C GLY A 196 -2.49 -35.27 27.82
N TYR A 197 -2.30 -34.19 27.08
CA TYR A 197 -1.27 -33.20 27.40
C TYR A 197 -1.90 -32.06 28.19
N SER A 198 -1.09 -31.05 28.53
CA SER A 198 -1.57 -29.90 29.30
C SER A 198 -0.86 -28.63 28.81
N PHE A 199 -1.37 -28.07 27.73
CA PHE A 199 -0.97 -26.75 27.27
C PHE A 199 -2.09 -25.78 27.68
N THR A 200 -1.77 -24.89 28.62
CA THR A 200 -2.77 -23.97 29.16
C THR A 200 -2.25 -22.57 29.44
N THR A 201 -0.95 -22.37 29.67
CA THR A 201 -0.41 -21.06 30.01
C THR A 201 -0.10 -20.26 28.75
N THR A 202 0.15 -18.96 28.96
CA THR A 202 0.56 -18.12 27.84
C THR A 202 1.85 -18.62 27.21
N ALA A 203 2.80 -19.05 28.03
CA ALA A 203 4.06 -19.58 27.49
C ALA A 203 3.82 -20.88 26.75
N GLU A 204 3.03 -21.78 27.33
CA GLU A 204 2.68 -23.02 26.64
C GLU A 204 1.95 -22.73 25.33
N ARG A 205 1.19 -21.63 25.29
CA ARG A 205 0.47 -21.27 24.07
C ARG A 205 1.43 -20.95 22.94
N GLU A 206 2.53 -20.24 23.24
CA GLU A 206 3.52 -19.94 22.21
C GLU A 206 4.13 -21.21 21.64
N ILE A 207 4.38 -22.20 22.50
CA ILE A 207 4.89 -23.49 22.02
C ILE A 207 3.89 -24.14 21.07
N VAL A 208 2.61 -24.11 21.43
CA VAL A 208 1.59 -24.72 20.59
C VAL A 208 1.50 -24.00 19.26
N ARG A 209 1.64 -22.66 19.27
CA ARG A 209 1.68 -21.93 18.01
C ARG A 209 2.77 -22.49 17.09
N ASP A 210 3.95 -22.76 17.66
CA ASP A 210 5.03 -23.33 16.86
C ASP A 210 4.66 -24.73 16.36
N ILE A 211 4.04 -25.55 17.22
CA ILE A 211 3.52 -26.83 16.76
C ILE A 211 2.57 -26.63 15.59
N LYS A 212 1.62 -25.71 15.74
CA LYS A 212 0.67 -25.43 14.68
C LYS A 212 1.38 -25.07 13.37
N GLU A 213 2.34 -24.15 13.45
CA GLU A 213 2.99 -23.66 12.24
C GLU A 213 3.89 -24.70 11.59
N LYS A 214 4.34 -25.69 12.35
CA LYS A 214 5.30 -26.67 11.84
C LYS A 214 4.69 -28.00 11.43
N LEU A 215 3.54 -28.38 11.99
CA LEU A 215 3.02 -29.73 11.79
C LEU A 215 1.59 -29.77 11.26
N CYS A 216 0.83 -28.68 11.34
CA CYS A 216 -0.54 -28.72 10.88
C CYS A 216 -0.61 -28.61 9.37
N TYR A 217 -1.71 -29.13 8.82
CA TYR A 217 -1.97 -29.05 7.38
C TYR A 217 -3.47 -29.17 7.17
N VAL A 218 -3.91 -28.87 5.95
CA VAL A 218 -5.31 -28.91 5.59
C VAL A 218 -5.58 -30.17 4.80
N ALA A 219 -6.53 -30.98 5.27
CA ALA A 219 -6.92 -32.19 4.57
C ALA A 219 -7.80 -31.85 3.38
N LEU A 220 -7.61 -32.59 2.27
CA LEU A 220 -8.47 -32.39 1.11
C LEU A 220 -9.86 -32.98 1.36
N ASP A 221 -9.92 -34.16 1.95
CA ASP A 221 -11.17 -34.80 2.35
C ASP A 221 -11.08 -35.07 3.85
N PHE A 222 -11.78 -34.25 4.64
CA PHE A 222 -11.61 -34.29 6.09
C PHE A 222 -12.07 -35.63 6.68
N GLU A 223 -13.24 -36.11 6.26
CA GLU A 223 -13.75 -37.36 6.82
C GLU A 223 -12.84 -38.53 6.45
N GLN A 224 -12.36 -38.57 5.20
CA GLN A 224 -11.44 -39.62 4.80
C GLN A 224 -10.16 -39.57 5.62
N GLU A 225 -9.65 -38.35 5.86
CA GLU A 225 -8.41 -38.19 6.63
C GLU A 225 -8.59 -38.65 8.08
N MET A 226 -9.74 -38.34 8.68
CA MET A 226 -10.01 -38.84 10.03
C MET A 226 -9.99 -40.36 10.05
N ALA A 227 -10.53 -40.98 9.01
CA ALA A 227 -10.51 -42.44 8.92
C ALA A 227 -9.08 -42.96 8.78
N THR A 228 -8.28 -42.31 7.94
CA THR A 228 -6.88 -42.73 7.80
C THR A 228 -6.15 -42.65 9.14
N ALA A 229 -6.44 -41.60 9.92
CA ALA A 229 -5.75 -41.44 11.20
C ALA A 229 -6.18 -42.49 12.21
N ALA A 230 -7.45 -42.93 12.14
CA ALA A 230 -7.96 -43.93 13.08
C ALA A 230 -7.47 -45.34 12.75
N SER A 231 -7.11 -45.59 11.49
CA SER A 231 -6.77 -46.93 11.02
C SER A 231 -5.27 -47.16 10.90
N SER A 232 -4.44 -46.16 11.20
CA SER A 232 -2.99 -46.33 11.17
C SER A 232 -2.37 -45.11 11.84
N SER A 233 -1.04 -45.13 11.91
CA SER A 233 -0.27 -44.04 12.51
C SER A 233 0.54 -43.28 11.46
N SER A 234 0.17 -43.38 10.19
CA SER A 234 0.95 -42.77 9.13
C SER A 234 0.94 -41.25 9.16
N LEU A 235 -0.03 -40.64 9.86
CA LEU A 235 -0.16 -39.20 9.91
C LEU A 235 0.36 -38.60 11.20
N GLU A 236 0.85 -39.41 12.13
CA GLU A 236 1.31 -38.90 13.41
C GLU A 236 2.72 -38.34 13.27
N LYS A 237 2.97 -37.23 13.97
CA LYS A 237 4.27 -36.58 13.98
C LYS A 237 4.70 -36.37 15.42
N SER A 238 5.99 -36.11 15.60
CA SER A 238 6.56 -35.80 16.91
C SER A 238 6.99 -34.34 16.96
N TYR A 239 6.99 -33.79 18.17
CA TYR A 239 7.44 -32.43 18.41
C TYR A 239 8.15 -32.39 19.75
N GLU A 240 9.35 -31.80 19.76
CA GLU A 240 10.20 -31.77 20.94
C GLU A 240 10.09 -30.42 21.64
N LEU A 241 9.61 -30.45 22.88
CA LEU A 241 9.45 -29.23 23.65
C LEU A 241 10.82 -28.71 24.08
N PRO A 242 10.89 -27.49 24.61
CA PRO A 242 12.19 -26.94 25.02
C PRO A 242 12.88 -27.74 26.12
N ASP A 243 12.13 -28.34 27.03
CA ASP A 243 12.71 -29.16 28.09
C ASP A 243 13.15 -30.54 27.61
N GLY A 244 13.13 -30.78 26.31
CA GLY A 244 13.54 -32.05 25.75
C GLY A 244 12.46 -33.11 25.74
N GLN A 245 11.37 -32.91 26.46
CA GLN A 245 10.26 -33.85 26.39
C GLN A 245 9.60 -33.78 25.02
N VAL A 246 9.06 -34.91 24.59
CA VAL A 246 8.57 -35.09 23.23
C VAL A 246 7.10 -35.46 23.29
N ILE A 247 6.28 -34.76 22.50
CA ILE A 247 4.87 -35.08 22.36
C ILE A 247 4.63 -35.58 20.96
N THR A 248 3.50 -36.25 20.78
CA THR A 248 3.10 -36.81 19.50
C THR A 248 1.72 -36.27 19.14
N ILE A 249 1.53 -35.95 17.86
CA ILE A 249 0.32 -35.30 17.37
C ILE A 249 -0.18 -36.09 16.16
N GLY A 250 -1.46 -36.44 16.19
CA GLY A 250 -2.07 -37.21 15.11
C GLY A 250 -3.09 -36.42 14.32
N ASN A 251 -4.36 -36.80 14.40
CA ASN A 251 -5.38 -36.12 13.60
C ASN A 251 -5.57 -34.66 14.00
N GLU A 252 -4.99 -34.24 15.12
CA GLU A 252 -5.01 -32.82 15.47
C GLU A 252 -4.28 -31.99 14.42
N ARG A 253 -3.33 -32.59 13.69
CA ARG A 253 -2.59 -31.86 12.67
C ARG A 253 -3.52 -31.19 11.68
N PHE A 254 -4.56 -31.91 11.24
CA PHE A 254 -5.50 -31.36 10.26
C PHE A 254 -6.85 -31.00 10.84
N ARG A 255 -7.18 -31.48 12.04
CA ARG A 255 -8.40 -31.00 12.70
C ARG A 255 -8.29 -29.53 13.06
N CYS A 256 -7.09 -29.08 13.43
CA CYS A 256 -6.89 -27.68 13.82
C CYS A 256 -7.19 -26.72 12.68
N PRO A 257 -6.52 -26.78 11.53
CA PRO A 257 -6.88 -25.86 10.42
C PRO A 257 -8.22 -26.17 9.78
N GLU A 258 -8.80 -27.35 10.04
CA GLU A 258 -10.14 -27.63 9.51
C GLU A 258 -11.16 -26.63 10.03
N ALA A 259 -10.89 -26.00 11.19
CA ALA A 259 -11.80 -25.01 11.73
C ALA A 259 -11.96 -23.80 10.82
N LEU A 260 -11.00 -23.53 9.94
CA LEU A 260 -11.18 -22.48 8.95
C LEU A 260 -12.37 -22.77 8.04
N PHE A 261 -12.57 -24.06 7.72
CA PHE A 261 -13.66 -24.46 6.86
C PHE A 261 -14.91 -24.83 7.63
N GLN A 262 -14.77 -25.23 8.90
CA GLN A 262 -15.88 -25.59 9.76
C GLN A 262 -15.75 -24.82 11.07
N PRO A 263 -16.11 -23.53 11.07
CA PRO A 263 -15.97 -22.73 12.30
C PRO A 263 -16.77 -23.27 13.48
N SER A 264 -17.71 -24.20 13.25
CA SER A 264 -18.40 -24.83 14.37
C SER A 264 -17.44 -25.58 15.29
N PHE A 265 -16.25 -25.96 14.79
CA PHE A 265 -15.25 -26.58 15.65
C PHE A 265 -14.88 -25.67 16.82
N LEU A 266 -15.03 -24.36 16.66
CA LEU A 266 -14.74 -23.40 17.69
C LEU A 266 -16.00 -22.85 18.35
N GLY A 267 -17.14 -23.48 18.11
CA GLY A 267 -18.40 -23.00 18.64
C GLY A 267 -18.97 -21.80 17.94
N MET A 268 -18.56 -21.54 16.70
CA MET A 268 -19.00 -20.38 15.95
C MET A 268 -20.05 -20.78 14.93
N GLU A 269 -21.14 -20.02 14.88
CA GLU A 269 -22.18 -20.20 13.85
C GLU A 269 -21.84 -19.30 12.67
N SER A 270 -20.80 -19.68 11.94
CA SER A 270 -20.24 -18.87 10.88
C SER A 270 -19.81 -19.73 9.71
N CYS A 271 -19.98 -19.19 8.50
CA CYS A 271 -19.52 -19.88 7.30
C CYS A 271 -18.01 -20.06 7.33
N GLY A 272 -17.55 -21.17 6.74
CA GLY A 272 -16.13 -21.35 6.52
C GLY A 272 -15.59 -20.33 5.54
N ILE A 273 -14.25 -20.27 5.46
CA ILE A 273 -13.61 -19.29 4.58
C ILE A 273 -13.97 -19.54 3.13
N HIS A 274 -14.15 -20.80 2.74
CA HIS A 274 -14.51 -21.12 1.37
C HIS A 274 -15.86 -20.52 1.02
N GLU A 275 -16.84 -20.65 1.92
CA GLU A 275 -18.19 -20.19 1.64
C GLU A 275 -18.30 -18.67 1.72
N THR A 276 -17.48 -18.01 2.55
CA THR A 276 -17.54 -16.56 2.60
C THR A 276 -16.81 -15.95 1.41
N THR A 277 -15.76 -16.61 0.91
CA THR A 277 -15.18 -16.22 -0.37
C THR A 277 -16.23 -16.24 -1.46
N PHE A 278 -17.07 -17.27 -1.48
CA PHE A 278 -18.10 -17.38 -2.51
C PHE A 278 -19.15 -16.30 -2.35
N ASN A 279 -19.62 -16.08 -1.11
CA ASN A 279 -20.64 -15.06 -0.89
C ASN A 279 -20.11 -13.68 -1.26
N SER A 280 -18.82 -13.42 -1.01
CA SER A 280 -18.24 -12.15 -1.41
C SER A 280 -18.31 -11.96 -2.92
N ILE A 281 -18.00 -13.02 -3.67
CA ILE A 281 -18.02 -12.92 -5.12
C ILE A 281 -19.44 -12.66 -5.63
N MET A 282 -20.43 -13.31 -5.03
CA MET A 282 -21.81 -13.16 -5.50
C MET A 282 -22.40 -11.80 -5.18
N LYS A 283 -21.77 -11.04 -4.28
CA LYS A 283 -22.16 -9.66 -4.03
C LYS A 283 -21.59 -8.69 -5.06
N CYS A 284 -20.75 -9.15 -5.97
CA CYS A 284 -20.01 -8.26 -6.86
C CYS A 284 -20.69 -8.12 -8.22
N ASP A 285 -20.24 -7.10 -8.96
CA ASP A 285 -20.71 -6.86 -10.31
C ASP A 285 -20.68 -8.12 -11.14
N VAL A 286 -21.78 -8.39 -11.84
CA VAL A 286 -21.88 -9.58 -12.70
C VAL A 286 -20.69 -9.65 -13.64
N ASP A 287 -20.22 -8.49 -14.13
CA ASP A 287 -19.20 -8.46 -15.18
C ASP A 287 -17.80 -8.82 -14.69
N ILE A 288 -17.55 -8.86 -13.38
CA ILE A 288 -16.22 -9.15 -12.86
C ILE A 288 -16.13 -10.49 -12.16
N ARG A 289 -17.24 -11.21 -12.02
CA ARG A 289 -17.23 -12.45 -11.24
C ARG A 289 -16.31 -13.49 -11.86
N LYS A 290 -16.35 -13.65 -13.19
CA LYS A 290 -15.44 -14.57 -13.85
C LYS A 290 -14.00 -14.35 -13.37
N ASP A 291 -13.55 -13.09 -13.37
CA ASP A 291 -12.18 -12.79 -13.01
C ASP A 291 -11.91 -13.07 -11.54
N LEU A 292 -12.87 -12.75 -10.66
CA LEU A 292 -12.71 -13.08 -9.25
C LEU A 292 -12.52 -14.58 -9.07
N TYR A 293 -13.38 -15.38 -9.73
CA TYR A 293 -13.26 -16.83 -9.63
C TYR A 293 -11.91 -17.33 -10.12
N ALA A 294 -11.32 -16.66 -11.11
CA ALA A 294 -10.05 -17.07 -11.69
C ALA A 294 -8.85 -16.36 -11.07
N ASN A 295 -9.07 -15.49 -10.08
CA ASN A 295 -8.00 -14.77 -9.41
C ASN A 295 -8.29 -14.68 -7.91
N THR A 296 -8.54 -15.82 -7.29
CA THR A 296 -8.74 -15.90 -5.85
C THR A 296 -7.35 -16.08 -5.20
N VAL A 297 -6.91 -15.04 -4.50
CA VAL A 297 -5.54 -14.96 -4.00
C VAL A 297 -5.56 -15.10 -2.47
N LEU A 298 -4.71 -15.98 -1.95
CA LEU A 298 -4.58 -16.18 -0.52
C LEU A 298 -3.42 -15.34 0.01
N SER A 299 -3.65 -14.69 1.15
CA SER A 299 -2.62 -13.92 1.83
C SER A 299 -2.75 -14.12 3.33
N GLY A 300 -1.65 -13.85 4.03
CA GLY A 300 -1.61 -13.95 5.47
C GLY A 300 -0.94 -15.22 5.95
N GLY A 301 -0.39 -15.16 7.17
CA GLY A 301 0.35 -16.30 7.70
C GLY A 301 -0.49 -17.54 7.90
N THR A 302 -1.79 -17.37 8.10
CA THR A 302 -2.66 -18.53 8.32
C THR A 302 -3.01 -19.27 7.03
N THR A 303 -2.66 -18.71 5.88
CA THR A 303 -2.82 -19.41 4.61
C THR A 303 -1.61 -20.26 4.24
N MET A 304 -0.64 -20.42 5.15
CA MET A 304 0.56 -21.18 4.85
C MET A 304 0.37 -22.68 4.99
N TYR A 305 -0.74 -23.15 5.54
CA TYR A 305 -0.92 -24.58 5.76
C TYR A 305 -0.80 -25.34 4.43
N PRO A 306 -0.03 -26.43 4.39
CA PRO A 306 -0.08 -27.29 3.20
C PRO A 306 -1.49 -27.78 2.94
N GLY A 307 -1.89 -27.72 1.66
CA GLY A 307 -3.17 -28.24 1.24
C GLY A 307 -4.30 -27.23 1.23
N ILE A 308 -4.06 -26.00 1.66
CA ILE A 308 -5.17 -25.05 1.77
C ILE A 308 -5.65 -24.62 0.39
N ALA A 309 -4.72 -24.45 -0.56
CA ALA A 309 -5.11 -24.03 -1.90
C ALA A 309 -5.96 -25.10 -2.58
N ASP A 310 -5.50 -26.36 -2.53
CA ASP A 310 -6.27 -27.45 -3.10
C ASP A 310 -7.67 -27.53 -2.49
N ARG A 311 -7.74 -27.42 -1.16
CA ARG A 311 -9.02 -27.50 -0.47
C ARG A 311 -9.94 -26.37 -0.91
N MET A 312 -9.40 -25.15 -1.00
CA MET A 312 -10.19 -24.02 -1.49
C MET A 312 -10.68 -24.28 -2.91
N GLN A 313 -9.79 -24.75 -3.79
CA GLN A 313 -10.16 -25.08 -5.15
C GLN A 313 -11.37 -26.01 -5.17
N LYS A 314 -11.31 -27.08 -4.37
CA LYS A 314 -12.38 -28.07 -4.36
C LYS A 314 -13.67 -27.49 -3.82
N GLU A 315 -13.59 -26.76 -2.69
CA GLU A 315 -14.80 -26.25 -2.07
C GLU A 315 -15.45 -25.18 -2.94
N ILE A 316 -14.64 -24.26 -3.48
CA ILE A 316 -15.18 -23.23 -4.36
C ILE A 316 -15.82 -23.86 -5.58
N THR A 317 -15.17 -24.87 -6.16
CA THR A 317 -15.74 -25.58 -7.30
C THR A 317 -17.12 -26.13 -6.98
N ALA A 318 -17.29 -26.69 -5.78
CA ALA A 318 -18.59 -27.25 -5.42
C ALA A 318 -19.68 -26.18 -5.34
N LEU A 319 -19.32 -24.97 -4.92
CA LEU A 319 -20.30 -23.90 -4.78
C LEU A 319 -20.55 -23.16 -6.08
N ALA A 320 -19.55 -23.05 -6.94
CA ALA A 320 -19.66 -22.21 -8.13
C ALA A 320 -20.33 -22.96 -9.28
N PRO A 321 -20.81 -22.23 -10.29
CA PRO A 321 -21.36 -22.90 -11.48
C PRO A 321 -20.38 -23.90 -12.07
N SER A 322 -20.91 -24.98 -12.63
CA SER A 322 -20.07 -26.03 -13.18
C SER A 322 -19.22 -25.53 -14.35
N THR A 323 -19.68 -24.47 -15.04
CA THR A 323 -18.91 -23.93 -16.14
C THR A 323 -17.73 -23.08 -15.68
N MET A 324 -17.79 -22.54 -14.47
CA MET A 324 -16.87 -21.49 -14.07
C MET A 324 -15.45 -22.01 -13.93
N LYS A 325 -14.49 -21.24 -14.47
CA LYS A 325 -13.09 -21.52 -14.24
C LYS A 325 -12.67 -20.97 -12.88
N ILE A 326 -12.07 -21.82 -12.06
CA ILE A 326 -11.72 -21.49 -10.69
C ILE A 326 -10.21 -21.67 -10.52
N LYS A 327 -9.54 -20.64 -10.04
CA LYS A 327 -8.11 -20.70 -9.81
C LYS A 327 -7.78 -20.10 -8.45
N ILE A 328 -7.09 -20.87 -7.62
CA ILE A 328 -6.66 -20.44 -6.30
C ILE A 328 -5.15 -20.24 -6.36
N ILE A 329 -4.71 -19.00 -6.16
CA ILE A 329 -3.30 -18.65 -6.21
C ILE A 329 -2.79 -18.48 -4.79
N ALA A 330 -1.72 -19.22 -4.46
CA ALA A 330 -1.06 -19.13 -3.16
C ALA A 330 0.37 -18.67 -3.39
N PRO A 331 0.61 -17.36 -3.50
CA PRO A 331 1.97 -16.89 -3.71
C PRO A 331 2.89 -17.37 -2.62
N PRO A 332 4.17 -17.59 -2.93
CA PRO A 332 5.07 -18.18 -1.93
C PRO A 332 5.41 -17.27 -0.77
N GLU A 333 5.42 -15.96 -0.97
CA GLU A 333 5.70 -15.00 0.10
C GLU A 333 4.42 -14.42 0.70
N ARG A 334 3.32 -15.17 0.65
CA ARG A 334 2.04 -14.63 1.07
C ARG A 334 1.98 -14.34 2.56
N LYS A 335 2.89 -14.91 3.35
CA LYS A 335 3.01 -14.54 4.75
C LYS A 335 3.39 -13.08 4.92
N TYR A 336 3.97 -12.47 3.90
CA TYR A 336 4.40 -11.07 3.95
C TYR A 336 3.93 -10.29 2.71
N SER A 337 2.89 -10.77 2.02
CA SER A 337 2.47 -10.14 0.77
C SER A 337 1.93 -8.74 1.00
N VAL A 338 1.24 -8.51 2.12
CA VAL A 338 0.74 -7.17 2.41
C VAL A 338 1.88 -6.17 2.37
N TRP A 339 2.97 -6.46 3.09
CA TRP A 339 4.09 -5.54 3.13
C TRP A 339 4.74 -5.40 1.76
N ILE A 340 4.98 -6.53 1.10
CA ILE A 340 5.57 -6.50 -0.24
C ILE A 340 4.71 -5.66 -1.18
N GLY A 341 3.38 -5.82 -1.10
CA GLY A 341 2.50 -5.02 -1.93
C GLY A 341 2.62 -3.54 -1.66
N GLY A 342 2.85 -3.16 -0.40
CA GLY A 342 3.07 -1.77 -0.07
C GLY A 342 4.41 -1.26 -0.57
N SER A 343 5.41 -2.13 -0.59
CA SER A 343 6.70 -1.76 -1.17
C SER A 343 6.56 -1.46 -2.66
N ILE A 344 5.80 -2.29 -3.38
CA ILE A 344 5.52 -2.04 -4.79
C ILE A 344 4.81 -0.70 -4.94
N LEU A 345 3.67 -0.56 -4.27
CA LEU A 345 2.84 0.63 -4.45
C LEU A 345 3.61 1.89 -4.14
N ALA A 346 4.28 1.92 -2.98
CA ALA A 346 5.01 3.11 -2.57
C ALA A 346 6.22 3.38 -3.45
N SER A 347 6.54 2.48 -4.38
CA SER A 347 7.65 2.66 -5.31
C SER A 347 7.18 3.01 -6.72
N LEU A 348 5.88 2.98 -6.99
CA LEU A 348 5.38 3.26 -8.32
C LEU A 348 5.49 4.74 -8.64
N SER A 349 5.76 5.04 -9.91
CA SER A 349 5.77 6.43 -10.35
C SER A 349 4.45 7.12 -10.01
N THR A 350 3.34 6.41 -10.22
CA THR A 350 2.02 6.98 -9.90
C THR A 350 1.94 7.41 -8.45
N PHE A 351 2.50 6.62 -7.53
CA PHE A 351 2.23 6.85 -6.11
C PHE A 351 2.59 8.26 -5.68
N GLN A 352 3.42 8.97 -6.45
CA GLN A 352 3.77 10.34 -6.11
C GLN A 352 2.52 11.21 -5.96
N GLN A 353 1.53 11.03 -6.85
CA GLN A 353 0.33 11.84 -6.81
C GLN A 353 -0.61 11.45 -5.67
N MET A 354 -0.43 10.27 -5.08
CA MET A 354 -1.41 9.72 -4.16
C MET A 354 -1.24 10.23 -2.73
N TRP A 355 -0.02 10.57 -2.33
CA TRP A 355 0.23 10.94 -0.94
C TRP A 355 -0.75 12.00 -0.45
N ILE A 356 -1.05 11.95 0.84
CA ILE A 356 -1.56 13.12 1.56
C ILE A 356 -0.34 13.90 2.05
N SER A 357 -0.22 15.14 1.61
CA SER A 357 0.90 15.98 2.04
C SER A 357 0.57 16.67 3.36
N LYS A 358 1.62 17.03 4.09
CA LYS A 358 1.46 17.79 5.33
C LYS A 358 0.65 19.06 5.08
N GLN A 359 0.79 19.67 3.90
CA GLN A 359 0.01 20.86 3.60
C GLN A 359 -1.46 20.54 3.41
N GLU A 360 -1.77 19.49 2.63
CA GLU A 360 -3.16 19.07 2.47
C GLU A 360 -3.80 18.82 3.82
N TYR A 361 -3.06 18.26 4.77
CA TYR A 361 -3.62 17.97 6.08
C TYR A 361 -3.93 19.25 6.84
N ASP A 362 -3.05 20.26 6.75
CA ASP A 362 -3.33 21.54 7.39
C ASP A 362 -4.53 22.23 6.77
N GLU A 363 -4.74 22.04 5.46
CA GLU A 363 -5.88 22.66 4.78
C GLU A 363 -7.19 21.96 5.11
N SER A 364 -7.19 20.63 5.06
CA SER A 364 -8.42 19.84 5.06
C SER A 364 -8.67 19.09 6.36
N GLY A 365 -7.66 18.93 7.21
CA GLY A 365 -7.83 18.20 8.43
C GLY A 365 -7.78 16.70 8.23
N PRO A 366 -8.03 15.94 9.29
CA PRO A 366 -7.92 14.48 9.20
C PRO A 366 -8.90 13.84 8.21
N SER A 367 -10.05 14.46 7.96
CA SER A 367 -11.02 13.85 7.05
C SER A 367 -10.51 13.77 5.61
N ILE A 368 -9.34 14.34 5.33
CA ILE A 368 -8.73 14.17 4.01
C ILE A 368 -8.53 12.70 3.68
N VAL A 369 -8.40 11.85 4.69
CA VAL A 369 -8.13 10.44 4.45
C VAL A 369 -9.30 9.79 3.73
N HIS A 370 -10.51 10.30 3.92
CA HIS A 370 -11.69 9.71 3.27
C HIS A 370 -11.74 10.04 1.79
N ARG A 371 -11.20 11.19 1.39
CA ARG A 371 -11.24 11.61 -0.01
CA ARG A 371 -11.27 11.57 -0.02
C ARG A 371 -10.18 10.90 -0.84
N LYS A 372 -8.98 10.71 -0.29
CA LYS A 372 -7.83 10.32 -1.09
C LYS A 372 -7.42 8.85 -0.95
N CYS A 373 -7.85 8.14 0.09
CA CYS A 373 -7.37 6.78 0.33
C CYS A 373 -8.53 5.79 0.25
N PHE A 374 -8.67 5.13 -0.90
CA PHE A 374 -9.61 4.04 -1.06
C PHE A 374 -9.21 3.18 -2.25
N HIS B 3 40.56 27.12 -10.87
CA HIS B 3 40.28 25.84 -10.23
C HIS B 3 40.86 24.68 -11.05
N MET B 4 42.09 24.86 -11.54
CA MET B 4 42.78 23.77 -12.22
C MET B 4 42.99 22.62 -11.26
N SER B 5 42.70 21.41 -11.71
CA SER B 5 42.65 20.23 -10.86
C SER B 5 43.81 19.30 -11.20
N LEU B 6 44.51 18.84 -10.17
CA LEU B 6 45.75 18.10 -10.34
C LEU B 6 45.69 16.65 -9.88
N ALA B 7 44.69 16.27 -9.10
CA ALA B 7 44.66 14.92 -8.53
C ALA B 7 44.18 13.89 -9.55
N GLU B 8 44.75 12.70 -9.46
CA GLU B 8 44.22 11.57 -10.21
C GLU B 8 42.89 11.15 -9.58
N LEU B 9 41.84 11.08 -10.40
CA LEU B 9 40.51 10.80 -9.92
C LEU B 9 39.84 9.77 -10.81
N THR B 10 38.99 8.95 -10.19
CA THR B 10 38.13 8.02 -10.91
C THR B 10 36.69 8.25 -10.48
N LEU B 11 35.76 7.70 -11.26
CA LEU B 11 34.34 7.84 -11.02
C LEU B 11 33.74 6.43 -11.00
N GLU B 12 33.32 5.96 -9.84
CA GLU B 12 32.92 4.57 -9.68
C GLU B 12 31.64 4.44 -8.86
N PRO B 13 30.76 3.50 -9.22
CA PRO B 13 29.50 3.35 -8.48
C PRO B 13 29.76 2.82 -7.08
N VAL B 14 28.93 3.29 -6.14
CA VAL B 14 29.06 2.83 -4.76
C VAL B 14 28.92 1.32 -4.68
N HIS B 15 27.99 0.74 -5.44
CA HIS B 15 27.72 -0.69 -5.30
C HIS B 15 28.85 -1.55 -5.84
N ARG B 16 29.89 -0.97 -6.44
CA ARG B 16 31.09 -1.72 -6.82
C ARG B 16 32.25 -1.47 -5.86
N ARG B 17 32.10 -0.51 -4.95
CA ARG B 17 33.11 -0.24 -3.92
C ARG B 17 32.39 -0.14 -2.57
N PRO B 18 31.70 -1.21 -2.16
CA PRO B 18 30.90 -1.14 -0.93
C PRO B 18 31.70 -0.81 0.30
N GLU B 19 33.01 -1.09 0.31
CA GLU B 19 33.82 -0.70 1.45
C GLU B 19 33.85 0.81 1.64
N LEU B 20 33.50 1.57 0.60
CA LEU B 20 33.50 3.03 0.65
C LEU B 20 32.13 3.62 0.95
N LEU B 21 31.11 2.79 1.11
CA LEU B 21 29.76 3.31 1.30
C LEU B 21 29.66 4.16 2.58
N ASP B 22 30.30 3.71 3.66
CA ASP B 22 30.24 4.46 4.91
C ASP B 22 30.91 5.83 4.76
N ALA B 23 32.05 5.89 4.10
CA ALA B 23 32.68 7.18 3.84
C ALA B 23 31.78 8.07 3.00
N CYS B 24 31.06 7.47 2.04
CA CYS B 24 30.17 8.26 1.19
C CYS B 24 29.00 8.81 1.99
N ALA B 25 28.48 8.02 2.94
CA ALA B 25 27.42 8.53 3.81
C ALA B 25 27.92 9.69 4.66
N ASP B 26 29.14 9.58 5.21
CA ASP B 26 29.74 10.69 5.93
C ASP B 26 29.73 11.96 5.07
N LEU B 27 30.22 11.84 3.83
CA LEU B 27 30.28 12.98 2.93
C LEU B 27 28.93 13.66 2.78
N ILE B 28 27.89 12.90 2.48
CA ILE B 28 26.59 13.49 2.16
C ILE B 28 25.94 14.05 3.42
N ASN B 29 25.97 13.28 4.52
CA ASN B 29 25.31 13.73 5.73
C ASN B 29 25.98 14.97 6.31
N ASP B 30 27.29 15.13 6.08
CA ASP B 30 27.96 16.35 6.50
C ASP B 30 27.30 17.58 5.89
N GLN B 31 26.86 17.47 4.64
CA GLN B 31 26.24 18.58 3.93
C GLN B 31 24.75 18.68 4.23
N TRP B 32 24.00 17.59 4.03
CA TRP B 32 22.56 17.53 4.25
C TRP B 32 22.29 16.51 5.34
N PRO B 33 22.26 16.93 6.61
CA PRO B 33 22.13 15.96 7.71
C PRO B 33 20.75 15.33 7.73
N ARG B 34 20.72 14.01 7.70
CA ARG B 34 19.52 13.26 8.07
C ARG B 34 19.96 11.90 8.57
N SER B 35 19.00 11.09 9.02
CA SER B 35 19.35 9.88 9.74
C SER B 35 20.35 9.05 8.93
N ARG B 36 21.38 8.54 9.61
CA ARG B 36 22.37 7.73 8.92
C ARG B 36 21.77 6.43 8.42
N THR B 37 20.82 5.87 9.17
CA THR B 37 20.08 4.71 8.69
C THR B 37 19.53 4.95 7.29
N SER B 38 18.84 6.08 7.12
CA SER B 38 18.26 6.40 5.82
C SER B 38 19.34 6.65 4.79
N ARG B 39 20.41 7.34 5.17
CA ARG B 39 21.46 7.67 4.21
C ARG B 39 22.20 6.41 3.76
N LEU B 40 22.42 5.47 4.68
CA LEU B 40 23.06 4.21 4.31
C LEU B 40 22.14 3.37 3.43
N HIS B 41 20.83 3.39 3.70
CA HIS B 41 19.90 2.63 2.87
C HIS B 41 19.82 3.19 1.46
N SER B 42 19.78 4.51 1.33
CA SER B 42 19.70 5.13 0.01
C SER B 42 20.90 4.75 -0.85
N LEU B 43 22.11 4.80 -0.27
CA LEU B 43 23.30 4.41 -1.01
C LEU B 43 23.28 2.92 -1.34
N GLY B 44 22.71 2.11 -0.46
CA GLY B 44 22.59 0.68 -0.70
C GLY B 44 21.66 0.31 -1.85
N GLN B 45 20.83 1.25 -2.31
CA GLN B 45 19.98 0.98 -3.46
C GLN B 45 20.75 1.00 -4.77
N SER B 46 21.94 1.57 -4.79
CA SER B 46 22.69 1.78 -6.03
C SER B 46 22.86 0.48 -6.80
N SER B 47 22.54 0.52 -8.09
CA SER B 47 22.67 -0.65 -8.94
C SER B 47 22.82 -0.20 -10.39
N ASP B 48 23.24 -1.16 -11.24
CA ASP B 48 23.38 -0.87 -12.66
C ASP B 48 22.04 -0.59 -13.33
N ALA B 49 20.92 -0.94 -12.69
CA ALA B 49 19.60 -0.69 -13.25
C ALA B 49 19.13 0.74 -13.05
N PHE B 50 19.86 1.53 -12.25
CA PHE B 50 19.48 2.87 -11.83
C PHE B 50 18.32 2.78 -10.84
N PRO B 51 18.28 3.64 -9.81
CA PRO B 51 19.27 4.70 -9.54
C PRO B 51 20.63 4.14 -9.16
N LEU B 52 21.70 4.91 -9.42
CA LEU B 52 23.02 4.53 -8.94
C LEU B 52 23.75 5.76 -8.45
N CYS B 53 24.62 5.55 -7.48
CA CYS B 53 25.37 6.61 -6.81
C CYS B 53 26.82 6.52 -7.27
N LEU B 54 27.30 7.57 -7.92
CA LEU B 54 28.67 7.65 -8.38
C LEU B 54 29.52 8.38 -7.37
N MET B 55 30.73 7.88 -7.14
CA MET B 55 31.70 8.49 -6.23
C MET B 55 32.91 8.96 -7.03
N LEU B 56 33.31 10.21 -6.80
CA LEU B 56 34.59 10.70 -7.27
C LEU B 56 35.65 10.31 -6.26
N LEU B 57 36.58 9.46 -6.67
CA LEU B 57 37.55 8.85 -5.77
C LEU B 57 38.97 9.28 -6.13
N SER B 58 39.80 9.42 -5.10
CA SER B 58 41.21 9.70 -5.24
C SER B 58 42.03 8.54 -4.66
N PRO B 59 43.04 8.05 -5.38
CA PRO B 59 43.78 6.87 -4.87
C PRO B 59 44.44 7.11 -3.53
N HIS B 60 45.29 8.13 -3.43
CA HIS B 60 45.98 8.43 -2.18
C HIS B 60 45.90 9.93 -1.87
N PRO B 67 41.62 4.91 0.02
CA PRO B 67 41.15 5.87 -0.97
C PRO B 67 40.12 6.84 -0.41
N VAL B 68 40.15 8.05 -0.95
CA VAL B 68 39.36 9.17 -0.45
C VAL B 68 38.12 9.34 -1.33
N VAL B 69 36.96 9.49 -0.68
CA VAL B 69 35.72 9.82 -1.39
C VAL B 69 35.69 11.33 -1.54
N VAL B 70 36.01 11.82 -2.75
CA VAL B 70 36.09 13.24 -2.98
C VAL B 70 34.70 13.85 -3.20
N GLY B 71 33.80 13.11 -3.86
CA GLY B 71 32.49 13.65 -4.18
C GLY B 71 31.53 12.54 -4.55
N HIS B 72 30.28 12.95 -4.79
CA HIS B 72 29.21 11.99 -5.01
C HIS B 72 28.11 12.66 -5.81
N ALA B 73 27.41 11.86 -6.62
CA ALA B 73 26.21 12.30 -7.32
C ALA B 73 25.35 11.08 -7.60
N ARG B 74 24.03 11.28 -7.54
CA ARG B 74 23.06 10.22 -7.77
C ARG B 74 22.45 10.38 -9.15
N LEU B 75 22.42 9.28 -9.91
CA LEU B 75 21.81 9.25 -11.23
C LEU B 75 20.56 8.39 -11.18
N SER B 76 19.46 8.91 -11.70
CA SER B 76 18.18 8.21 -11.74
C SER B 76 17.57 8.37 -13.11
N ARG B 77 16.88 7.33 -13.57
CA ARG B 77 16.20 7.42 -14.84
C ARG B 77 14.94 8.27 -14.69
N VAL B 78 14.38 8.65 -15.84
CA VAL B 78 13.34 9.67 -15.89
C VAL B 78 12.09 9.08 -16.54
N LEU B 79 10.94 9.30 -15.89
CA LEU B 79 9.68 8.83 -16.42
C LEU B 79 9.42 9.41 -17.80
N ASN B 80 9.15 8.54 -18.77
CA ASN B 80 8.74 8.90 -20.12
C ASN B 80 9.84 9.58 -20.91
N GLN B 81 11.09 9.53 -20.45
CA GLN B 81 12.21 10.15 -21.15
C GLN B 81 13.40 9.21 -21.06
N PRO B 82 13.43 8.18 -21.91
CA PRO B 82 14.48 7.16 -21.81
C PRO B 82 15.90 7.71 -21.86
N GLN B 83 16.10 8.83 -22.56
CA GLN B 83 17.44 9.37 -22.76
C GLN B 83 17.81 10.41 -21.73
N SER B 84 16.97 10.64 -20.73
CA SER B 84 17.24 11.59 -19.67
C SER B 84 17.69 10.88 -18.41
N LEU B 85 18.53 11.55 -17.63
CA LEU B 85 18.86 11.14 -16.28
C LEU B 85 18.65 12.33 -15.36
N LEU B 86 18.18 12.04 -14.15
CA LEU B 86 18.04 13.05 -13.10
C LEU B 86 19.24 12.99 -12.18
N VAL B 87 19.91 14.13 -12.01
CA VAL B 87 21.09 14.23 -11.16
C VAL B 87 20.68 14.82 -9.82
N GLU B 88 21.08 14.17 -8.73
CA GLU B 88 20.71 14.60 -7.39
C GLU B 88 21.90 14.46 -6.45
N THR B 89 21.84 15.18 -5.34
CA THR B 89 22.78 15.00 -4.23
C THR B 89 24.22 15.22 -4.69
N VAL B 90 24.43 16.23 -5.50
CA VAL B 90 25.77 16.55 -6.01
C VAL B 90 26.54 17.28 -4.91
N VAL B 91 27.61 16.67 -4.44
CA VAL B 91 28.36 17.23 -3.33
C VAL B 91 29.82 16.81 -3.44
N VAL B 92 30.71 17.76 -3.18
CA VAL B 92 32.14 17.50 -3.05
C VAL B 92 32.47 17.67 -1.58
N ALA B 93 33.35 16.80 -1.08
CA ALA B 93 33.73 16.86 0.33
C ALA B 93 34.08 18.28 0.72
N ARG B 94 33.60 18.68 1.90
CA ARG B 94 33.67 20.08 2.30
C ARG B 94 35.10 20.61 2.29
N ALA B 95 36.06 19.81 2.74
CA ALA B 95 37.44 20.25 2.84
C ALA B 95 38.14 20.31 1.48
N LEU B 96 37.56 19.73 0.44
CA LEU B 96 38.19 19.65 -0.87
C LEU B 96 37.52 20.53 -1.91
N ARG B 97 36.60 21.39 -1.50
CA ARG B 97 35.92 22.26 -2.44
C ARG B 97 36.83 23.37 -2.90
N GLY B 98 36.54 23.90 -4.08
CA GLY B 98 37.36 24.94 -4.67
C GLY B 98 38.65 24.47 -5.30
N ARG B 99 38.75 23.17 -5.61
CA ARG B 99 39.94 22.62 -6.26
C ARG B 99 39.63 22.01 -7.62
N GLY B 100 38.43 22.27 -8.17
CA GLY B 100 38.05 21.74 -9.45
C GLY B 100 37.33 20.40 -9.42
N PHE B 101 37.19 19.79 -8.23
CA PHE B 101 36.59 18.46 -8.16
C PHE B 101 35.10 18.48 -8.47
N GLY B 102 34.43 19.61 -8.23
CA GLY B 102 33.03 19.72 -8.60
C GLY B 102 32.83 19.71 -10.10
N ARG B 103 33.64 20.47 -10.83
CA ARG B 103 33.57 20.45 -12.30
C ARG B 103 33.83 19.04 -12.82
N ARG B 104 34.89 18.40 -12.34
CA ARG B 104 35.24 17.08 -12.85
C ARG B 104 34.18 16.04 -12.50
N LEU B 105 33.49 16.22 -11.37
CA LEU B 105 32.37 15.33 -11.05
C LEU B 105 31.26 15.47 -12.06
N MET B 106 30.84 16.71 -12.34
CA MET B 106 29.74 16.93 -13.28
C MET B 106 30.15 16.51 -14.70
N GLU B 107 31.38 16.80 -15.09
CA GLU B 107 31.85 16.37 -16.40
C GLU B 107 31.94 14.86 -16.48
N GLY B 108 32.41 14.21 -15.41
CA GLY B 108 32.42 12.75 -15.39
C GLY B 108 31.04 12.16 -15.51
N LEU B 109 30.04 12.81 -14.91
CA LEU B 109 28.66 12.37 -15.08
C LEU B 109 28.26 12.37 -16.55
N GLU B 110 28.62 13.43 -17.28
CA GLU B 110 28.28 13.50 -18.71
C GLU B 110 28.92 12.36 -19.47
N VAL B 111 30.21 12.12 -19.25
CA VAL B 111 30.90 11.03 -19.95
C VAL B 111 30.23 9.70 -19.63
N PHE B 112 29.98 9.45 -18.34
CA PHE B 112 29.33 8.21 -17.92
C PHE B 112 27.96 8.06 -18.58
N ALA B 113 27.13 9.10 -18.50
CA ALA B 113 25.78 8.99 -19.03
C ALA B 113 25.78 8.85 -20.55
N ARG B 114 26.64 9.61 -21.23
CA ARG B 114 26.65 9.57 -22.69
C ARG B 114 27.18 8.24 -23.21
N ALA B 115 28.20 7.68 -22.55
CA ALA B 115 28.69 6.37 -22.93
C ALA B 115 27.58 5.33 -22.91
N ARG B 116 26.54 5.55 -22.11
CA ARG B 116 25.41 4.63 -21.99
C ARG B 116 24.21 5.07 -22.81
N GLY B 117 24.39 6.06 -23.69
CA GLY B 117 23.35 6.43 -24.62
C GLY B 117 22.43 7.54 -24.16
N PHE B 118 22.59 8.03 -22.94
CA PHE B 118 21.78 9.14 -22.47
C PHE B 118 22.24 10.43 -23.12
N ARG B 119 21.28 11.32 -23.39
CA ARG B 119 21.54 12.55 -24.13
C ARG B 119 21.16 13.81 -23.38
N LYS B 120 20.56 13.70 -22.20
CA LYS B 120 20.04 14.88 -21.50
C LYS B 120 20.15 14.67 -20.00
N LEU B 121 20.68 15.67 -19.30
CA LEU B 121 20.79 15.63 -17.85
C LEU B 121 19.85 16.67 -17.25
N HIS B 122 19.20 16.31 -16.14
CA HIS B 122 18.28 17.19 -15.45
C HIS B 122 18.64 17.22 -13.97
N LEU B 123 18.37 18.35 -13.34
CA LEU B 123 18.62 18.51 -11.91
C LEU B 123 17.95 19.78 -11.43
N THR B 124 17.74 19.85 -10.12
CA THR B 124 17.18 21.03 -9.48
C THR B 124 18.25 21.71 -8.61
N THR B 125 18.03 22.98 -8.34
CA THR B 125 18.92 23.76 -7.49
C THR B 125 18.22 25.07 -7.15
N HIS B 126 18.69 25.73 -6.10
CA HIS B 126 18.34 27.11 -5.85
C HIS B 126 19.57 28.00 -5.74
N ASP B 127 20.50 27.68 -4.83
CA ASP B 127 21.61 28.57 -4.54
C ASP B 127 22.79 28.37 -5.49
N GLN B 128 22.88 27.23 -6.17
CA GLN B 128 24.02 26.90 -7.02
C GLN B 128 23.67 26.99 -8.51
N VAL B 129 22.69 27.83 -8.87
CA VAL B 129 22.29 27.92 -10.27
C VAL B 129 23.44 28.40 -11.14
N HIS B 130 24.23 29.36 -10.64
CA HIS B 130 25.32 29.90 -11.45
C HIS B 130 26.43 28.89 -11.64
N PHE B 131 26.60 27.97 -10.67
CA PHE B 131 27.56 26.88 -10.85
C PHE B 131 27.17 25.98 -12.01
N TYR B 132 25.87 25.79 -12.23
CA TYR B 132 25.43 24.90 -13.30
C TYR B 132 25.40 25.62 -14.65
N THR B 133 24.93 26.87 -14.69
CA THR B 133 25.02 27.64 -15.92
C THR B 133 26.48 27.74 -16.38
N HIS B 134 27.39 27.95 -15.43
CA HIS B 134 28.81 28.01 -15.76
C HIS B 134 29.28 26.74 -16.44
N LEU B 135 28.65 25.60 -16.15
CA LEU B 135 29.03 24.32 -16.73
C LEU B 135 28.12 23.92 -17.89
N GLY B 136 27.27 24.83 -18.38
CA GLY B 136 26.53 24.63 -19.60
C GLY B 136 25.07 24.28 -19.44
N TYR B 137 24.54 24.22 -18.22
CA TYR B 137 23.13 23.98 -18.01
C TYR B 137 22.34 25.26 -18.26
N GLN B 138 21.08 25.10 -18.66
CA GLN B 138 20.17 26.22 -18.77
C GLN B 138 18.83 25.79 -18.19
N LEU B 139 17.94 26.77 -18.02
CA LEU B 139 16.65 26.47 -17.41
C LEU B 139 15.87 25.50 -18.27
N GLY B 140 15.24 24.52 -17.61
CA GLY B 140 14.36 23.60 -18.27
C GLY B 140 13.06 23.48 -17.50
N GLU B 141 12.24 22.50 -17.86
CA GLU B 141 11.00 22.25 -17.14
C GLU B 141 11.08 20.93 -16.38
N PRO B 142 10.21 20.73 -15.39
CA PRO B 142 10.42 19.61 -14.46
C PRO B 142 10.37 18.24 -15.11
N VAL B 143 10.98 17.27 -14.43
CA VAL B 143 10.90 15.86 -14.77
C VAL B 143 10.68 15.07 -13.49
N GLN B 144 10.20 13.83 -13.66
CA GLN B 144 9.97 12.94 -12.53
C GLN B 144 10.97 11.79 -12.60
N GLY B 145 11.75 11.62 -11.53
CA GLY B 145 12.70 10.54 -11.48
C GLY B 145 12.06 9.22 -11.09
N LEU B 146 12.64 8.13 -11.60
CA LEU B 146 12.19 6.79 -11.28
C LEU B 146 12.96 6.28 -10.07
N VAL B 147 12.24 5.93 -9.00
CA VAL B 147 12.88 5.50 -7.75
C VAL B 147 13.33 4.06 -7.85
N PHE B 148 14.11 3.61 -6.88
CA PHE B 148 14.57 2.24 -6.84
C PHE B 148 13.40 1.29 -6.62
N THR B 149 13.38 0.22 -7.41
CA THR B 149 12.52 -0.93 -7.16
C THR B 149 13.39 -2.19 -7.28
N SER B 150 13.22 -3.09 -6.34
CA SER B 150 14.02 -4.31 -6.32
C SER B 150 13.72 -5.18 -7.54
N ARG B 151 14.75 -5.89 -8.01
CA ARG B 151 14.54 -6.84 -9.10
C ARG B 151 13.49 -7.89 -8.74
N ARG B 152 13.33 -8.19 -7.45
CA ARG B 152 12.53 -9.34 -7.05
C ARG B 152 11.03 -9.04 -7.01
N LEU B 153 10.66 -7.79 -6.79
CA LEU B 153 9.25 -7.43 -6.85
C LEU B 153 8.70 -7.76 -8.23
N PRO B 154 7.42 -8.18 -8.32
CA PRO B 154 6.88 -8.70 -9.59
C PRO B 154 7.26 -7.89 -10.83
N ALA B 155 6.87 -6.62 -10.88
CA ALA B 155 7.11 -5.70 -11.98
C ALA B 155 6.05 -5.82 -13.07
N THR B 156 5.11 -6.77 -12.98
CA THR B 156 3.93 -6.71 -13.83
C THR B 156 3.26 -5.34 -13.71
N LEU B 157 3.19 -4.83 -12.49
CA LEU B 157 2.75 -3.47 -12.23
C LEU B 157 3.72 -2.47 -12.86
N LEU B 190 -31.97 27.29 -16.50
CA LEU B 190 -30.58 27.15 -16.08
C LEU B 190 -30.16 28.30 -15.18
N PRO B 191 -30.06 28.06 -13.87
CA PRO B 191 -29.65 29.14 -12.98
C PRO B 191 -28.29 29.66 -13.35
N PRO B 192 -28.02 30.95 -13.14
CA PRO B 192 -26.69 31.49 -13.40
C PRO B 192 -25.69 30.88 -12.45
N PRO B 193 -24.47 30.59 -12.91
CA PRO B 193 -23.47 30.01 -12.02
C PRO B 193 -22.97 31.06 -11.04
N PRO B 194 -22.79 30.70 -9.77
CA PRO B 194 -22.11 31.62 -8.85
C PRO B 194 -20.66 31.76 -9.22
N PRO B 195 -19.94 32.70 -8.63
CA PRO B 195 -18.54 32.92 -9.05
C PRO B 195 -17.62 31.83 -8.54
N LEU B 196 -16.56 31.59 -9.32
CA LEU B 196 -15.53 30.63 -8.96
C LEU B 196 -14.64 31.22 -7.87
N PRO B 197 -13.79 30.40 -7.24
CA PRO B 197 -12.86 30.94 -6.25
C PRO B 197 -11.95 31.99 -6.86
N GLU B 198 -11.70 33.04 -6.09
CA GLU B 198 -10.79 34.11 -6.48
C GLU B 198 -11.02 34.55 -7.92
N PRO B 227 10.56 27.43 -4.02
CA PRO B 227 10.74 27.42 -5.49
C PRO B 227 12.18 27.16 -5.90
N ILE B 228 12.37 26.23 -6.84
CA ILE B 228 13.70 25.85 -7.28
C ILE B 228 13.77 25.96 -8.80
N PHE B 229 14.99 26.07 -9.30
CA PHE B 229 15.24 26.07 -10.72
C PHE B 229 15.43 24.65 -11.22
N TRP B 230 14.81 24.36 -12.36
CA TRP B 230 15.06 23.12 -13.09
C TRP B 230 16.09 23.40 -14.17
N MET B 231 17.23 22.71 -14.08
CA MET B 231 18.33 22.87 -15.03
C MET B 231 18.40 21.63 -15.91
N GLU B 232 18.74 21.83 -17.18
CA GLU B 232 18.94 20.71 -18.09
C GLU B 232 20.18 20.97 -18.93
N LYS B 233 20.74 19.90 -19.47
CA LYS B 233 21.87 20.01 -20.39
C LYS B 233 21.87 18.84 -21.36
N ASP B 234 21.96 19.18 -22.65
CA ASP B 234 22.11 18.16 -23.68
C ASP B 234 23.54 17.67 -23.71
N ILE B 235 23.71 16.34 -23.77
CA ILE B 235 25.04 15.76 -23.80
C ILE B 235 25.15 14.82 -25.00
N GLY C 3 -20.07 31.46 -18.10
CA GLY C 3 -21.19 30.59 -17.79
C GLY C 3 -20.78 29.35 -17.04
N TRP C 4 -21.60 28.30 -17.13
CA TRP C 4 -21.24 27.03 -16.51
C TRP C 4 -20.04 26.39 -17.19
N ASN C 5 -19.85 26.67 -18.48
CA ASN C 5 -18.67 26.16 -19.19
C ASN C 5 -17.39 26.63 -18.53
N ALA C 6 -17.42 27.81 -17.89
CA ALA C 6 -16.27 28.25 -17.11
C ALA C 6 -15.92 27.25 -16.02
N TYR C 7 -16.91 26.52 -15.50
CA TYR C 7 -16.64 25.52 -14.48
C TYR C 7 -15.99 24.28 -15.08
N ILE C 8 -16.40 23.91 -16.30
CA ILE C 8 -15.70 22.83 -17.00
C ILE C 8 -14.26 23.23 -17.28
N ASP C 9 -14.06 24.45 -17.77
CA ASP C 9 -12.71 24.96 -17.95
C ASP C 9 -11.93 24.89 -16.64
N ASN C 10 -12.54 25.31 -15.54
CA ASN C 10 -11.86 25.30 -14.25
C ASN C 10 -11.48 23.88 -13.85
N LEU C 11 -12.42 22.94 -13.96
CA LEU C 11 -12.15 21.58 -13.53
C LEU C 11 -11.14 20.89 -14.45
N MET C 12 -11.06 21.30 -15.70
CA MET C 12 -10.17 20.68 -16.67
C MET C 12 -8.78 21.29 -16.71
N ALA C 13 -8.55 22.38 -15.98
CA ALA C 13 -7.36 23.20 -16.22
C ALA C 13 -6.08 22.43 -15.92
N ASP C 14 -6.07 21.63 -14.86
CA ASP C 14 -4.83 21.00 -14.41
C ASP C 14 -4.49 19.72 -15.17
N GLY C 15 -5.29 19.31 -16.15
CA GLY C 15 -4.95 18.19 -16.99
C GLY C 15 -5.10 16.82 -16.37
N THR C 16 -5.62 16.71 -15.14
CA THR C 16 -5.77 15.40 -14.52
C THR C 16 -6.99 14.65 -15.06
N CYS C 17 -8.04 15.36 -15.46
CA CYS C 17 -9.29 14.75 -15.88
C CYS C 17 -9.49 14.87 -17.37
N GLN C 18 -10.14 13.86 -17.95
CA GLN C 18 -10.48 13.87 -19.36
C GLN C 18 -11.95 14.24 -19.61
N ASP C 19 -12.77 14.26 -18.58
CA ASP C 19 -14.18 14.58 -18.74
C ASP C 19 -14.68 15.23 -17.45
N ALA C 20 -15.63 16.14 -17.61
CA ALA C 20 -16.23 16.83 -16.48
C ALA C 20 -17.59 17.35 -16.91
N ALA C 21 -18.48 17.53 -15.93
CA ALA C 21 -19.82 17.98 -16.25
C ALA C 21 -20.52 18.45 -14.99
N ILE C 22 -21.50 19.33 -15.19
CA ILE C 22 -22.41 19.76 -14.14
C ILE C 22 -23.82 19.46 -14.64
N VAL C 23 -24.55 18.67 -13.86
CA VAL C 23 -25.85 18.15 -14.27
C VAL C 23 -26.86 18.51 -13.20
N GLY C 24 -27.93 19.20 -13.60
CA GLY C 24 -29.06 19.41 -12.70
C GLY C 24 -29.86 18.13 -12.57
N TYR C 25 -30.22 17.80 -11.33
CA TYR C 25 -30.94 16.56 -11.07
C TYR C 25 -32.35 16.78 -10.53
N LYS C 26 -32.73 18.02 -10.21
CA LYS C 26 -34.06 18.31 -9.73
C LYS C 26 -35.01 18.58 -10.88
N ASP C 27 -36.30 18.31 -10.64
CA ASP C 27 -37.36 18.50 -11.64
C ASP C 27 -36.99 17.63 -12.84
N SER C 28 -36.73 18.19 -14.01
CA SER C 28 -36.30 17.42 -15.16
C SER C 28 -34.79 17.56 -15.30
N PRO C 29 -34.01 16.48 -15.14
CA PRO C 29 -32.55 16.63 -15.22
C PRO C 29 -32.07 16.98 -16.61
N SER C 30 -30.92 17.66 -16.66
CA SER C 30 -30.30 18.03 -17.93
C SER C 30 -28.85 18.39 -17.65
N VAL C 31 -27.99 18.13 -18.64
CA VAL C 31 -26.57 18.50 -18.54
C VAL C 31 -26.46 20.01 -18.65
N TRP C 32 -26.11 20.68 -17.55
CA TRP C 32 -25.92 22.13 -17.61
C TRP C 32 -24.66 22.49 -18.38
N ALA C 33 -23.59 21.73 -18.18
CA ALA C 33 -22.33 21.98 -18.88
C ALA C 33 -21.51 20.70 -18.86
N ALA C 34 -20.74 20.49 -19.93
CA ALA C 34 -19.93 19.29 -20.03
C ALA C 34 -18.88 19.49 -21.11
N VAL C 35 -17.85 18.64 -21.06
CA VAL C 35 -16.81 18.62 -22.08
C VAL C 35 -17.43 18.09 -23.37
N PRO C 36 -17.41 18.84 -24.46
CA PRO C 36 -17.98 18.33 -25.72
C PRO C 36 -17.21 17.13 -26.23
N GLY C 37 -17.94 16.22 -26.90
CA GLY C 37 -17.32 15.09 -27.54
C GLY C 37 -16.84 13.99 -26.63
N LYS C 38 -17.20 14.03 -25.35
CA LYS C 38 -16.84 13.00 -24.39
C LYS C 38 -18.10 12.26 -23.94
N THR C 39 -18.12 11.80 -22.70
CA THR C 39 -19.19 10.91 -22.23
C THR C 39 -20.26 11.63 -21.43
N PHE C 40 -19.87 12.45 -20.44
CA PHE C 40 -20.84 13.02 -19.53
C PHE C 40 -21.87 13.89 -20.24
N VAL C 41 -21.48 14.52 -21.34
CA VAL C 41 -22.41 15.37 -22.09
C VAL C 41 -23.65 14.58 -22.52
N ASN C 42 -23.56 13.25 -22.56
CA ASN C 42 -24.65 12.40 -23.03
C ASN C 42 -25.44 11.74 -21.90
N ILE C 43 -25.24 12.16 -20.65
CA ILE C 43 -25.97 11.57 -19.54
C ILE C 43 -27.47 11.75 -19.76
N THR C 44 -28.23 10.70 -19.46
CA THR C 44 -29.69 10.72 -19.63
C THR C 44 -30.38 10.96 -18.30
N PRO C 45 -31.64 11.42 -18.33
CA PRO C 45 -32.40 11.52 -17.08
C PRO C 45 -32.46 10.20 -16.31
N ALA C 46 -32.54 9.08 -17.02
CA ALA C 46 -32.59 7.78 -16.34
C ALA C 46 -31.29 7.50 -15.59
N GLU C 47 -30.15 7.86 -16.16
CA GLU C 47 -28.88 7.67 -15.47
C GLU C 47 -28.81 8.56 -14.24
N VAL C 48 -29.29 9.80 -14.35
CA VAL C 48 -29.38 10.67 -13.18
C VAL C 48 -30.28 10.04 -12.12
N GLY C 49 -31.39 9.44 -12.55
CA GLY C 49 -32.32 8.86 -11.59
C GLY C 49 -31.72 7.71 -10.81
N VAL C 50 -30.88 6.90 -11.46
CA VAL C 50 -30.22 5.81 -10.76
C VAL C 50 -29.21 6.36 -9.75
N LEU C 51 -28.47 7.41 -10.13
CA LEU C 51 -27.47 7.96 -9.24
C LEU C 51 -28.08 8.47 -7.94
N VAL C 52 -29.21 9.18 -8.05
CA VAL C 52 -29.82 9.85 -6.91
C VAL C 52 -31.04 9.09 -6.38
N GLY C 53 -31.25 7.86 -6.85
CA GLY C 53 -32.47 7.13 -6.55
C GLY C 53 -32.45 6.43 -5.21
N LYS C 54 -33.57 5.75 -4.94
CA LYS C 54 -33.76 5.08 -3.65
C LYS C 54 -33.10 3.71 -3.61
N ASP C 55 -33.00 3.02 -4.75
CA ASP C 55 -32.35 1.71 -4.81
C ASP C 55 -30.85 1.93 -4.87
N ARG C 56 -30.19 1.73 -3.73
CA ARG C 56 -28.74 1.86 -3.62
C ARG C 56 -28.03 0.51 -3.58
N SER C 57 -28.65 -0.55 -4.12
CA SER C 57 -28.11 -1.89 -4.00
C SER C 57 -27.96 -2.57 -5.36
N SER C 58 -28.86 -2.27 -6.31
CA SER C 58 -28.86 -2.99 -7.58
C SER C 58 -27.62 -2.66 -8.41
N PHE C 59 -27.15 -1.40 -8.39
CA PHE C 59 -26.01 -1.08 -9.24
C PHE C 59 -24.72 -1.73 -8.76
N TYR C 60 -24.70 -2.35 -7.57
CA TYR C 60 -23.53 -3.14 -7.18
C TYR C 60 -23.41 -4.40 -8.02
N VAL C 61 -24.53 -5.03 -8.37
CA VAL C 61 -24.49 -6.26 -9.14
C VAL C 61 -24.73 -5.97 -10.62
N ASN C 62 -25.56 -4.96 -10.91
CA ASN C 62 -25.86 -4.62 -12.30
C ASN C 62 -24.99 -3.50 -12.85
N GLY C 63 -24.29 -2.76 -12.00
CA GLY C 63 -23.56 -1.61 -12.47
C GLY C 63 -24.50 -0.47 -12.82
N LEU C 64 -23.91 0.58 -13.39
CA LEU C 64 -24.69 1.71 -13.90
C LEU C 64 -23.94 2.33 -15.06
N THR C 65 -24.63 3.22 -15.79
CA THR C 65 -24.05 3.89 -16.94
C THR C 65 -24.05 5.39 -16.74
N LEU C 66 -23.04 6.03 -17.32
CA LEU C 66 -22.96 7.48 -17.44
C LEU C 66 -22.72 7.79 -18.91
N GLY C 67 -23.70 8.44 -19.54
CA GLY C 67 -23.62 8.65 -20.98
C GLY C 67 -23.42 7.36 -21.76
N GLY C 68 -23.97 6.25 -21.26
CA GLY C 68 -23.85 4.97 -21.92
C GLY C 68 -22.60 4.18 -21.58
N GLN C 69 -21.65 4.78 -20.87
CA GLN C 69 -20.44 4.07 -20.46
C GLN C 69 -20.75 3.26 -19.20
N LYS C 70 -20.55 1.95 -19.29
CA LYS C 70 -20.75 1.10 -18.12
C LYS C 70 -19.67 1.36 -17.08
N CYS C 71 -20.09 1.47 -15.82
CA CYS C 71 -19.19 1.69 -14.71
C CYS C 71 -19.52 0.72 -13.57
N SER C 72 -18.52 0.49 -12.72
CA SER C 72 -18.66 -0.28 -11.50
C SER C 72 -18.61 0.66 -10.30
N VAL C 73 -19.50 0.45 -9.33
CA VAL C 73 -19.56 1.30 -8.16
C VAL C 73 -18.53 0.80 -7.14
N ILE C 74 -17.62 1.69 -6.73
CA ILE C 74 -16.62 1.36 -5.73
C ILE C 74 -17.14 1.77 -4.35
N ARG C 75 -17.45 3.06 -4.20
CA ARG C 75 -18.04 3.59 -2.97
C ARG C 75 -19.30 4.38 -3.30
N ASP C 76 -20.29 4.31 -2.41
CA ASP C 76 -21.51 5.09 -2.56
C ASP C 76 -21.80 5.80 -1.24
N SER C 77 -21.58 7.12 -1.23
CA SER C 77 -21.96 7.99 -0.13
C SER C 77 -22.75 9.19 -0.67
N LEU C 78 -23.39 9.02 -1.82
CA LEU C 78 -23.92 10.16 -2.56
C LEU C 78 -25.07 10.83 -1.85
N LEU C 79 -25.81 10.08 -1.02
CA LEU C 79 -26.97 10.60 -0.30
C LEU C 79 -26.69 10.84 1.18
N GLN C 80 -25.43 10.76 1.61
CA GLN C 80 -25.08 10.88 3.01
C GLN C 80 -24.57 12.28 3.30
N ASP C 81 -25.08 12.90 4.35
CA ASP C 81 -24.69 14.25 4.70
C ASP C 81 -23.22 14.29 5.10
N GLY C 82 -22.52 15.32 4.65
CA GLY C 82 -21.10 15.45 4.87
C GLY C 82 -20.23 14.75 3.84
N GLU C 83 -20.79 13.77 3.11
CA GLU C 83 -20.05 13.03 2.10
C GLU C 83 -20.55 13.41 0.70
N PHE C 84 -21.76 12.96 0.32
CA PHE C 84 -22.39 13.36 -0.93
C PHE C 84 -21.50 13.02 -2.14
N SER C 85 -20.84 11.86 -2.11
CA SER C 85 -19.98 11.48 -3.21
C SER C 85 -20.15 9.99 -3.52
N MET C 86 -19.93 9.66 -4.78
CA MET C 86 -19.89 8.28 -5.26
C MET C 86 -18.64 8.10 -6.10
N ASP C 87 -17.94 6.99 -5.87
CA ASP C 87 -16.71 6.66 -6.58
C ASP C 87 -16.96 5.45 -7.48
N LEU C 88 -16.57 5.57 -8.75
CA LEU C 88 -16.74 4.50 -9.72
C LEU C 88 -15.48 4.31 -10.53
N ARG C 89 -15.45 3.20 -11.26
CA ARG C 89 -14.39 2.90 -12.22
C ARG C 89 -15.07 2.37 -13.48
N THR C 90 -14.66 2.88 -14.64
CA THR C 90 -15.28 2.45 -15.88
C THR C 90 -14.96 0.99 -16.15
N LYS C 91 -15.75 0.39 -17.03
CA LYS C 91 -15.54 -0.98 -17.49
C LYS C 91 -15.35 -0.97 -19.00
N SER C 92 -14.43 -1.80 -19.47
CA SER C 92 -14.05 -1.85 -20.87
C SER C 92 -14.12 -3.29 -21.38
N THR C 93 -13.94 -3.41 -22.69
CA THR C 93 -13.82 -4.71 -23.34
C THR C 93 -12.45 -4.80 -24.01
N GLY C 94 -11.94 -6.02 -24.12
CA GLY C 94 -10.71 -6.25 -24.87
C GLY C 94 -9.53 -5.48 -24.33
N GLY C 95 -9.39 -5.40 -23.02
CA GLY C 95 -8.19 -4.84 -22.42
C GLY C 95 -8.01 -3.34 -22.56
N ALA C 96 -8.99 -2.63 -23.12
CA ALA C 96 -8.90 -1.18 -23.20
C ALA C 96 -8.84 -0.59 -21.79
N PRO C 97 -8.12 0.52 -21.60
CA PRO C 97 -7.96 1.08 -20.25
C PRO C 97 -9.28 1.54 -19.65
N THR C 98 -9.33 1.54 -18.32
CA THR C 98 -10.46 2.03 -17.56
C THR C 98 -10.04 3.23 -16.72
N PHE C 99 -11.02 4.00 -16.26
CA PHE C 99 -10.75 5.27 -15.61
C PHE C 99 -11.61 5.43 -14.37
N ASN C 100 -11.09 6.20 -13.41
CA ASN C 100 -11.79 6.47 -12.17
C ASN C 100 -12.73 7.66 -12.33
N VAL C 101 -13.90 7.56 -11.73
CA VAL C 101 -14.93 8.59 -11.78
C VAL C 101 -15.39 8.89 -10.37
N THR C 102 -15.69 10.17 -10.10
CA THR C 102 -16.32 10.58 -8.87
C THR C 102 -17.50 11.47 -9.20
N VAL C 103 -18.63 11.19 -8.56
CA VAL C 103 -19.83 12.02 -8.64
C VAL C 103 -20.07 12.61 -7.26
N THR C 104 -20.24 13.93 -7.19
CA THR C 104 -20.64 14.59 -5.96
C THR C 104 -21.98 15.27 -6.17
N LYS C 105 -22.71 15.43 -5.08
CA LYS C 105 -24.09 15.88 -5.09
C LYS C 105 -24.22 17.15 -4.27
N THR C 106 -24.62 18.24 -4.91
CA THR C 106 -24.81 19.52 -4.24
C THR C 106 -26.31 19.72 -3.97
N ASP C 107 -26.73 20.97 -3.79
CA ASP C 107 -28.14 21.25 -3.57
C ASP C 107 -28.94 21.10 -4.84
N LYS C 108 -28.36 21.45 -5.99
CA LYS C 108 -29.08 21.47 -7.25
C LYS C 108 -28.40 20.69 -8.36
N THR C 109 -27.15 20.25 -8.20
CA THR C 109 -26.37 19.71 -9.29
C THR C 109 -25.70 18.41 -8.88
N LEU C 110 -25.33 17.64 -9.89
CA LEU C 110 -24.34 16.57 -9.76
C LEU C 110 -23.07 17.02 -10.47
N VAL C 111 -21.94 16.94 -9.77
CA VAL C 111 -20.63 17.26 -10.33
C VAL C 111 -19.94 15.93 -10.65
N LEU C 112 -19.54 15.75 -11.90
CA LEU C 112 -18.92 14.52 -12.36
C LEU C 112 -17.53 14.79 -12.91
N LEU C 113 -16.58 13.92 -12.57
CA LEU C 113 -15.21 14.00 -13.06
C LEU C 113 -14.75 12.61 -13.47
N MET C 114 -14.10 12.53 -14.62
CA MET C 114 -13.43 11.32 -15.06
C MET C 114 -11.95 11.61 -15.24
N GLY C 115 -11.10 10.85 -14.54
CA GLY C 115 -9.68 11.03 -14.66
C GLY C 115 -9.13 10.47 -15.96
N LYS C 116 -7.95 10.98 -16.33
CA LYS C 116 -7.21 10.37 -17.42
C LYS C 116 -6.64 9.02 -16.97
N GLU C 117 -6.06 8.30 -17.92
CA GLU C 117 -5.48 7.01 -17.59
C GLU C 117 -4.41 7.15 -16.52
N GLY C 118 -4.43 6.24 -15.54
CA GLY C 118 -3.46 6.24 -14.47
C GLY C 118 -3.74 7.19 -13.33
N VAL C 119 -4.67 8.13 -13.50
CA VAL C 119 -4.96 9.07 -12.42
C VAL C 119 -5.70 8.35 -11.30
N HIS C 120 -5.20 8.54 -10.07
CA HIS C 120 -5.75 7.83 -8.93
C HIS C 120 -7.11 8.39 -8.54
N GLY C 121 -8.00 7.49 -8.12
CA GLY C 121 -9.35 7.91 -7.77
C GLY C 121 -9.40 8.88 -6.60
N GLY C 122 -8.39 8.83 -5.72
CA GLY C 122 -8.36 9.76 -4.61
C GLY C 122 -8.16 11.19 -5.07
N LEU C 123 -7.32 11.39 -6.07
CA LEU C 123 -7.18 12.73 -6.65
C LEU C 123 -8.49 13.20 -7.24
N ILE C 124 -9.18 12.33 -7.98
CA ILE C 124 -10.43 12.71 -8.61
C ILE C 124 -11.49 13.00 -7.56
N ASN C 125 -11.57 12.14 -6.53
CA ASN C 125 -12.56 12.34 -5.48
C ASN C 125 -12.35 13.68 -4.77
N LYS C 126 -11.11 13.98 -4.39
CA LYS C 126 -10.83 15.24 -3.72
C LYS C 126 -11.18 16.42 -4.60
N LYS C 127 -10.79 16.37 -5.88
CA LYS C 127 -11.10 17.46 -6.81
C LYS C 127 -12.59 17.70 -6.90
N CYS C 128 -13.37 16.63 -7.08
CA CYS C 128 -14.82 16.76 -7.21
C CYS C 128 -15.45 17.22 -5.90
N TYR C 129 -14.92 16.78 -4.77
CA TYR C 129 -15.48 17.15 -3.47
C TYR C 129 -15.30 18.63 -3.19
N GLU C 130 -14.16 19.21 -3.58
CA GLU C 130 -13.91 20.62 -3.31
C GLU C 130 -14.79 21.51 -4.17
N MET C 131 -15.01 21.15 -5.44
CA MET C 131 -15.92 21.91 -6.29
C MET C 131 -17.34 21.86 -5.74
N ALA C 132 -17.76 20.69 -5.26
CA ALA C 132 -19.10 20.57 -4.69
C ALA C 132 -19.25 21.42 -3.44
N SER C 133 -18.25 21.38 -2.55
CA SER C 133 -18.28 22.23 -1.36
C SER C 133 -18.37 23.69 -1.74
N HIS C 134 -17.65 24.10 -2.78
CA HIS C 134 -17.73 25.48 -3.25
C HIS C 134 -19.13 25.82 -3.74
N LEU C 135 -19.81 24.86 -4.36
CA LEU C 135 -21.15 25.13 -4.88
C LEU C 135 -22.20 25.10 -3.79
N ARG C 136 -22.07 24.20 -2.82
CA ARG C 136 -23.00 24.20 -1.69
C ARG C 136 -22.90 25.50 -0.90
N ARG C 137 -21.69 26.01 -0.68
CA ARG C 137 -21.53 27.26 0.05
C ARG C 137 -22.27 28.39 -0.64
N SER C 138 -22.40 28.33 -1.97
CA SER C 138 -23.16 29.31 -2.74
C SER C 138 -24.63 28.99 -2.83
N GLN C 139 -25.11 28.03 -2.03
CA GLN C 139 -26.51 27.58 -2.03
C GLN C 139 -26.89 26.88 -3.33
N TYR C 140 -25.90 26.35 -4.05
CA TYR C 140 -26.14 25.57 -5.26
C TYR C 140 -25.86 24.10 -5.02
#